data_5YW5
#
_entry.id   5YW5
#
_cell.length_a   55.015
_cell.length_b   75.207
_cell.length_c   171.999
_cell.angle_alpha   90.000
_cell.angle_beta   90.000
_cell.angle_gamma   90.000
#
_symmetry.space_group_name_H-M   'P 21 21 21'
#
loop_
_entity.id
_entity.type
_entity.pdbx_description
1 polymer 'Adenine phosphoribosyltransferase'
2 non-polymer ADENINE
3 water water
#
_entity_poly.entity_id   1
_entity_poly.type   'polypeptide(L)'
_entity_poly.pdbx_seq_one_letter_code
;DDDKMNLDFIKSKIAAVPDFPKPGIMFRDITPLLADPQGLRKTAEAMAQELKNKGIQPTIVAGTESRGFIFGVALAEVLG
LGFVPVRKPGKLPRATYSVKYDLEYGSDSLEIHQDAFKVTDEVLVVDDLLATGGTAKATVDLIEKTQAKVAGLIFVMELD
GLGGREVLAGYNVSALIKF
;
_entity_poly.pdbx_strand_id   A,B,C,D
#
loop_
_chem_comp.id
_chem_comp.type
_chem_comp.name
_chem_comp.formula
ADE non-polymer ADENINE 'C5 H5 N5'
#
# COMPACT_ATOMS: atom_id res chain seq x y z
N ASP A 2 18.42 29.32 14.95
CA ASP A 2 18.22 27.93 15.45
C ASP A 2 18.65 26.87 14.36
N ASP A 3 18.45 27.17 13.07
CA ASP A 3 18.81 26.25 11.94
C ASP A 3 20.32 26.16 11.72
N LYS A 4 21.01 27.31 11.70
CA LYS A 4 22.48 27.42 11.77
C LYS A 4 22.99 26.65 12.98
N MET A 5 22.46 26.90 14.18
CA MET A 5 22.80 26.19 15.42
C MET A 5 22.67 24.65 15.26
N ASN A 6 21.56 24.17 14.71
CA ASN A 6 21.41 22.70 14.51
C ASN A 6 22.42 22.15 13.49
N LEU A 7 22.65 22.90 12.43
CA LEU A 7 23.55 22.50 11.40
C LEU A 7 24.97 22.50 11.92
N ASP A 8 25.33 23.50 12.75
CA ASP A 8 26.65 23.55 13.39
C ASP A 8 26.91 22.36 14.31
N PHE A 9 25.90 21.93 15.03
CA PHE A 9 26.03 20.74 15.84
C PHE A 9 26.33 19.52 14.98
N ILE A 10 25.54 19.31 13.95
CA ILE A 10 25.77 18.11 13.04
C ILE A 10 27.17 18.17 12.45
N LYS A 11 27.56 19.31 11.89
CA LYS A 11 28.94 19.47 11.41
C LYS A 11 30.00 19.15 12.46
N SER A 12 29.74 19.52 13.71
CA SER A 12 30.76 19.34 14.78
C SER A 12 30.98 17.85 15.18
N LYS A 13 30.21 16.89 14.67
CA LYS A 13 30.32 15.50 14.98
C LYS A 13 30.80 14.71 13.78
N ILE A 14 31.21 15.29 12.68
CA ILE A 14 31.67 14.47 11.59
C ILE A 14 33.20 14.55 11.58
N ALA A 15 33.89 13.41 11.78
CA ALA A 15 35.34 13.38 11.75
C ALA A 15 35.77 13.31 10.28
N ALA A 16 36.97 13.75 10.05
CA ALA A 16 37.66 13.60 8.79
C ALA A 16 38.87 12.66 9.09
N VAL A 17 39.01 11.60 8.27
CA VAL A 17 39.98 10.58 8.45
C VAL A 17 40.88 10.43 7.20
N PRO A 18 42.15 10.74 7.31
CA PRO A 18 42.97 10.68 6.15
C PRO A 18 43.17 9.32 5.68
N ASP A 19 43.31 9.23 4.38
CA ASP A 19 43.76 8.04 3.66
C ASP A 19 42.90 6.83 3.93
N PHE A 20 41.62 6.94 3.79
CA PHE A 20 40.72 5.81 3.95
C PHE A 20 39.60 5.94 2.97
N PRO A 21 39.26 4.83 2.25
CA PRO A 21 39.76 3.46 2.35
C PRO A 21 41.04 3.28 1.61
N LYS A 22 41.50 4.27 0.82
CA LYS A 22 42.86 4.26 0.23
C LYS A 22 43.59 5.60 0.44
N PRO A 23 44.89 5.63 0.13
CA PRO A 23 45.67 6.84 0.23
C PRO A 23 45.12 7.99 -0.59
N GLY A 24 45.08 9.19 -0.03
CA GLY A 24 44.46 10.29 -0.76
C GLY A 24 43.01 10.52 -0.58
N ILE A 25 42.25 9.62 0.04
CA ILE A 25 40.83 9.86 0.15
C ILE A 25 40.64 10.33 1.59
N MET A 26 40.08 11.50 1.79
CA MET A 26 39.71 11.99 3.13
C MET A 26 38.39 11.42 3.44
N PHE A 27 38.25 10.54 4.40
CA PHE A 27 36.99 9.90 4.65
C PHE A 27 36.14 10.71 5.66
N ARG A 28 34.88 10.90 5.34
CA ARG A 28 33.99 11.72 6.22
C ARG A 28 33.30 10.72 7.13
N ASP A 29 33.61 10.74 8.44
CA ASP A 29 33.21 9.70 9.35
C ASP A 29 32.06 10.13 10.31
N ILE A 30 30.93 9.50 10.07
CA ILE A 30 29.73 9.72 10.81
C ILE A 30 29.60 9.08 12.17
N THR A 31 30.55 8.27 12.62
CA THR A 31 30.40 7.60 13.84
C THR A 31 30.27 8.45 15.08
N PRO A 32 31.04 9.53 15.19
CA PRO A 32 30.76 10.36 16.39
C PRO A 32 29.34 10.97 16.43
N LEU A 33 28.81 11.33 15.23
CA LEU A 33 27.44 11.84 15.17
C LEU A 33 26.46 10.77 15.66
N LEU A 34 26.61 9.57 15.08
CA LEU A 34 25.77 8.41 15.45
C LEU A 34 25.77 8.11 16.95
N ALA A 35 26.94 8.26 17.59
CA ALA A 35 27.09 7.91 18.98
C ALA A 35 26.48 8.87 19.93
N ASP A 36 26.38 10.11 19.55
CA ASP A 36 25.85 11.13 20.43
C ASP A 36 24.35 10.87 20.58
N PRO A 37 23.80 11.00 21.81
CA PRO A 37 22.40 10.65 21.99
C PRO A 37 21.40 11.47 21.13
N GLN A 38 21.82 12.64 20.67
CA GLN A 38 20.94 13.51 19.90
C GLN A 38 21.34 13.56 18.48
N GLY A 39 22.35 12.81 18.12
CA GLY A 39 22.91 12.96 16.78
C GLY A 39 22.04 12.65 15.59
N LEU A 40 21.52 11.44 15.63
CA LEU A 40 20.51 11.03 14.66
C LEU A 40 19.24 11.83 14.63
N ARG A 41 18.65 12.10 15.79
CA ARG A 41 17.47 12.91 15.89
C ARG A 41 17.68 14.30 15.30
N LYS A 42 18.74 15.04 15.69
N LYS A 42 18.75 15.02 15.69
CA LYS A 42 18.99 16.39 15.14
CA LYS A 42 19.03 16.38 15.18
C LYS A 42 19.26 16.36 13.65
C LYS A 42 19.32 16.39 13.68
N THR A 43 19.95 15.35 13.19
CA THR A 43 20.14 15.18 11.78
C THR A 43 18.82 15.00 11.01
N ALA A 44 17.96 14.11 11.52
CA ALA A 44 16.69 13.90 10.86
C ALA A 44 15.77 15.13 11.02
N GLU A 45 15.88 15.86 12.11
CA GLU A 45 15.09 17.12 12.23
C GLU A 45 15.61 18.21 11.27
N ALA A 46 16.91 18.32 11.10
CA ALA A 46 17.46 19.17 10.08
C ALA A 46 17.05 18.77 8.64
N MET A 47 17.04 17.50 8.34
CA MET A 47 16.50 17.04 7.11
C MET A 47 15.04 17.42 6.95
N ALA A 48 14.22 17.23 7.99
CA ALA A 48 12.79 17.59 7.86
C ALA A 48 12.63 19.13 7.59
N GLN A 49 13.42 19.97 8.30
CA GLN A 49 13.34 21.37 8.11
C GLN A 49 13.67 21.78 6.62
N GLU A 50 14.73 21.21 6.05
CA GLU A 50 15.10 21.50 4.68
C GLU A 50 13.93 21.08 3.78
N LEU A 51 13.33 19.93 4.00
CA LEU A 51 12.24 19.49 3.11
C LEU A 51 11.00 20.40 3.19
N LYS A 52 10.71 20.85 4.38
CA LYS A 52 9.60 21.73 4.70
C LYS A 52 9.88 23.08 4.01
N ASN A 53 11.05 23.65 4.19
CA ASN A 53 11.48 24.90 3.45
C ASN A 53 11.25 24.77 1.95
N LYS A 54 11.56 23.60 1.42
CA LYS A 54 11.40 23.36 0.01
C LYS A 54 10.01 22.96 -0.46
N GLY A 55 9.06 22.80 0.48
CA GLY A 55 7.73 22.34 0.10
C GLY A 55 7.74 20.90 -0.34
N ILE A 56 8.68 20.07 0.11
CA ILE A 56 8.66 18.67 -0.36
C ILE A 56 8.01 17.79 0.72
N GLN A 57 6.99 17.02 0.32
CA GLN A 57 6.15 16.27 1.18
C GLN A 57 6.07 14.89 0.67
N PRO A 58 7.04 14.06 1.04
CA PRO A 58 7.01 12.64 0.57
C PRO A 58 5.97 11.83 1.29
N THR A 59 5.67 10.68 0.69
CA THR A 59 4.72 9.70 1.32
C THR A 59 5.39 8.53 1.94
N ILE A 60 6.65 8.27 1.59
CA ILE A 60 7.43 7.18 2.08
C ILE A 60 8.93 7.46 1.84
N VAL A 61 9.78 6.76 2.55
CA VAL A 61 11.23 7.01 2.54
C VAL A 61 11.86 5.78 2.02
N ALA A 62 12.86 5.90 1.18
CA ALA A 62 13.69 4.84 0.73
C ALA A 62 15.16 5.07 1.09
N GLY A 63 15.81 4.03 1.59
CA GLY A 63 17.29 4.11 1.92
C GLY A 63 18.06 3.02 1.31
N THR A 64 19.28 3.26 0.81
CA THR A 64 20.07 2.13 0.32
C THR A 64 20.90 1.52 1.43
N GLU A 65 21.11 0.25 1.24
CA GLU A 65 21.99 -0.58 2.02
C GLU A 65 23.44 0.06 1.94
N SER A 66 24.11 0.30 3.07
CA SER A 66 23.50 0.33 4.38
C SER A 66 23.35 1.67 5.17
N ARG A 67 23.99 2.74 4.78
CA ARG A 67 24.01 3.92 5.70
C ARG A 67 22.73 4.73 5.35
N GLY A 68 22.17 4.49 4.11
CA GLY A 68 20.71 4.83 3.80
C GLY A 68 19.73 4.29 4.77
N PHE A 69 20.08 3.12 5.35
CA PHE A 69 19.21 2.52 6.40
C PHE A 69 19.19 3.42 7.62
N ILE A 70 20.37 3.93 7.95
CA ILE A 70 20.47 4.64 9.25
C ILE A 70 19.68 5.96 9.19
N PHE A 71 20.13 6.83 8.28
CA PHE A 71 19.50 8.14 8.18
C PHE A 71 18.09 8.08 7.67
N GLY A 72 17.80 7.05 6.81
CA GLY A 72 16.45 6.91 6.31
C GLY A 72 15.44 6.55 7.33
N VAL A 73 15.83 5.64 8.22
CA VAL A 73 14.94 5.22 9.30
C VAL A 73 14.70 6.38 10.27
N ALA A 74 15.73 7.14 10.58
CA ALA A 74 15.63 8.24 11.52
C ALA A 74 14.69 9.30 10.94
N LEU A 75 14.82 9.57 9.64
CA LEU A 75 13.95 10.58 8.97
C LEU A 75 12.48 10.13 8.85
N ALA A 76 12.32 8.86 8.50
CA ALA A 76 11.00 8.28 8.42
C ALA A 76 10.23 8.46 9.74
N GLU A 77 10.94 8.24 10.84
N GLU A 77 10.92 8.24 10.86
CA GLU A 77 10.37 8.40 12.15
CA GLU A 77 10.31 8.41 12.16
C GLU A 77 9.88 9.82 12.36
C GLU A 77 9.88 9.83 12.44
N VAL A 78 10.72 10.81 12.10
CA VAL A 78 10.41 12.19 12.29
C VAL A 78 9.23 12.56 11.39
N LEU A 79 9.19 12.09 10.16
CA LEU A 79 8.06 12.43 9.27
C LEU A 79 6.79 11.58 9.44
N GLY A 80 6.79 10.56 10.29
CA GLY A 80 5.60 9.71 10.48
C GLY A 80 5.40 8.81 9.26
N LEU A 81 6.44 8.47 8.52
CA LEU A 81 6.36 7.65 7.27
C LEU A 81 6.93 6.27 7.38
N GLY A 82 6.55 5.44 6.43
CA GLY A 82 7.15 4.07 6.25
C GLY A 82 8.52 4.16 5.59
N PHE A 83 9.21 3.04 5.57
CA PHE A 83 10.54 2.89 5.06
C PHE A 83 10.68 1.71 4.17
N VAL A 84 11.47 1.88 3.09
CA VAL A 84 11.72 0.87 2.17
C VAL A 84 13.21 0.73 2.03
N PRO A 85 13.77 -0.51 2.25
CA PRO A 85 15.13 -0.80 1.97
C PRO A 85 15.38 -1.12 0.42
N VAL A 86 16.42 -0.49 -0.08
CA VAL A 86 17.02 -0.69 -1.40
C VAL A 86 18.26 -1.48 -1.15
N ARG A 87 18.25 -2.76 -1.49
CA ARG A 87 19.21 -3.70 -0.98
C ARG A 87 20.27 -4.09 -2.04
N LYS A 88 21.36 -4.64 -1.54
CA LYS A 88 22.35 -5.30 -2.36
C LYS A 88 21.65 -6.49 -2.93
N PRO A 89 22.20 -7.04 -4.03
CA PRO A 89 21.49 -8.09 -4.79
C PRO A 89 21.37 -9.40 -4.07
N GLY A 90 20.26 -10.10 -4.22
CA GLY A 90 20.17 -11.42 -3.71
C GLY A 90 19.68 -11.47 -2.26
N LYS A 91 19.27 -10.39 -1.69
CA LYS A 91 18.83 -10.37 -0.29
C LYS A 91 17.37 -10.28 -0.09
N LEU A 92 16.71 -9.58 -0.97
CA LEU A 92 15.25 -9.47 -0.92
C LEU A 92 14.54 -10.78 -1.38
N PRO A 93 13.50 -11.27 -0.63
CA PRO A 93 12.96 -12.61 -0.90
C PRO A 93 11.84 -12.80 -1.94
N ARG A 94 11.11 -11.77 -2.33
CA ARG A 94 10.04 -11.91 -3.30
C ARG A 94 10.40 -11.18 -4.58
N ALA A 95 9.46 -10.93 -5.45
CA ALA A 95 9.91 -10.45 -6.76
C ALA A 95 10.60 -9.05 -6.69
N THR A 96 11.66 -8.85 -7.43
CA THR A 96 12.45 -7.64 -7.36
C THR A 96 12.62 -7.00 -8.72
N TYR A 97 12.90 -5.71 -8.68
CA TYR A 97 13.55 -5.01 -9.84
C TYR A 97 15.04 -4.82 -9.49
N SER A 98 15.86 -4.73 -10.52
CA SER A 98 17.29 -4.61 -10.33
C SER A 98 17.88 -3.54 -11.26
N VAL A 99 18.91 -2.76 -10.85
CA VAL A 99 19.48 -1.70 -11.72
C VAL A 99 20.95 -1.80 -11.44
N LYS A 100 21.73 -1.80 -12.49
CA LYS A 100 23.15 -1.93 -12.41
C LYS A 100 23.76 -0.51 -12.42
N TYR A 101 24.85 -0.26 -11.67
CA TYR A 101 25.51 1.08 -11.79
C TYR A 101 27.01 0.90 -11.93
N ASP A 102 27.64 1.92 -12.45
CA ASP A 102 29.07 1.80 -12.74
C ASP A 102 29.86 2.03 -11.41
N LEU A 103 30.89 1.22 -11.22
CA LEU A 103 32.02 1.54 -10.33
C LEU A 103 33.23 2.03 -11.17
N GLU A 104 34.20 2.68 -10.48
CA GLU A 104 35.55 2.91 -11.07
C GLU A 104 35.97 1.65 -11.88
N TYR A 105 36.15 0.49 -11.23
CA TYR A 105 36.34 -0.77 -11.95
C TYR A 105 35.14 -1.67 -11.67
N GLY A 106 34.52 -2.11 -12.75
CA GLY A 106 33.38 -3.02 -12.72
C GLY A 106 32.07 -2.31 -12.55
N SER A 107 31.11 -3.09 -12.06
CA SER A 107 29.78 -2.59 -11.82
C SER A 107 29.15 -3.35 -10.67
N ASP A 108 28.03 -2.85 -10.19
CA ASP A 108 27.28 -3.57 -9.17
C ASP A 108 25.80 -3.22 -9.36
N SER A 109 24.94 -3.76 -8.49
CA SER A 109 23.47 -3.60 -8.71
C SER A 109 22.84 -3.24 -7.39
N LEU A 110 21.65 -2.72 -7.45
CA LEU A 110 20.78 -2.63 -6.30
C LEU A 110 19.40 -3.14 -6.74
N GLU A 111 18.59 -3.56 -5.77
CA GLU A 111 17.31 -4.12 -5.96
C GLU A 111 16.30 -3.51 -5.04
N ILE A 112 15.03 -3.58 -5.46
CA ILE A 112 13.92 -3.30 -4.56
C ILE A 112 12.78 -4.31 -4.87
N HIS A 113 11.92 -4.53 -3.89
CA HIS A 113 10.75 -5.39 -4.12
C HIS A 113 9.87 -4.67 -5.13
N GLN A 114 9.37 -5.44 -6.11
CA GLN A 114 8.47 -4.86 -7.08
C GLN A 114 7.30 -4.15 -6.45
N ASP A 115 6.83 -4.61 -5.32
CA ASP A 115 5.68 -4.04 -4.67
C ASP A 115 6.12 -3.05 -3.57
N ALA A 116 7.32 -2.49 -3.62
CA ALA A 116 7.82 -1.71 -2.43
C ALA A 116 7.01 -0.38 -2.28
N PHE A 117 6.58 0.16 -3.42
CA PHE A 117 5.92 1.47 -3.50
C PHE A 117 4.62 1.30 -4.30
N LYS A 118 3.58 1.91 -3.78
CA LYS A 118 2.36 2.23 -4.56
C LYS A 118 2.62 3.24 -5.62
N VAL A 119 1.85 3.13 -6.70
CA VAL A 119 1.94 4.06 -7.82
C VAL A 119 1.60 5.50 -7.47
N THR A 120 0.82 5.76 -6.41
CA THR A 120 0.61 7.14 -5.90
C THR A 120 1.76 7.64 -4.96
N ASP A 121 2.77 6.82 -4.67
CA ASP A 121 3.85 7.28 -3.75
C ASP A 121 4.80 8.31 -4.34
N GLU A 122 5.15 9.30 -3.49
CA GLU A 122 6.19 10.25 -3.80
C GLU A 122 7.37 9.96 -2.87
N VAL A 123 8.38 9.36 -3.41
CA VAL A 123 9.38 8.71 -2.57
C VAL A 123 10.55 9.63 -2.30
N LEU A 124 10.99 9.71 -1.04
CA LEU A 124 12.15 10.50 -0.64
C LEU A 124 13.33 9.54 -0.52
N VAL A 125 14.36 9.70 -1.31
CA VAL A 125 15.59 8.91 -1.12
C VAL A 125 16.49 9.56 -0.07
N VAL A 126 16.98 8.80 0.89
CA VAL A 126 17.92 9.31 1.89
C VAL A 126 19.22 8.51 1.86
N ASP A 127 20.35 9.20 2.01
CA ASP A 127 21.61 8.54 2.15
C ASP A 127 22.57 9.41 2.93
N ASP A 128 23.68 8.85 3.34
CA ASP A 128 24.67 9.63 4.02
C ASP A 128 25.37 10.73 3.22
N LEU A 129 25.73 10.43 1.98
CA LEU A 129 26.76 11.17 1.31
C LEU A 129 26.57 11.08 -0.20
N LEU A 130 26.57 12.23 -0.86
CA LEU A 130 26.55 12.30 -2.28
C LEU A 130 27.95 12.55 -2.77
N ALA A 131 28.44 11.62 -3.60
CA ALA A 131 29.71 11.72 -4.23
C ALA A 131 29.51 11.69 -5.74
N THR A 132 29.76 10.58 -6.39
CA THR A 132 29.48 10.49 -7.88
C THR A 132 28.00 10.45 -8.26
N GLY A 133 27.16 10.00 -7.32
CA GLY A 133 25.75 9.84 -7.54
C GLY A 133 25.33 8.51 -8.22
N GLY A 134 26.28 7.60 -8.37
CA GLY A 134 25.99 6.27 -9.01
C GLY A 134 24.86 5.52 -8.28
N THR A 135 25.03 5.22 -6.98
CA THR A 135 23.99 4.46 -6.29
C THR A 135 22.69 5.32 -6.15
N ALA A 136 22.82 6.65 -6.04
CA ALA A 136 21.59 7.53 -5.92
C ALA A 136 20.74 7.39 -7.24
N LYS A 137 21.40 7.45 -8.41
CA LYS A 137 20.68 7.38 -9.71
C LYS A 137 20.11 5.98 -9.89
N ALA A 138 20.84 4.94 -9.47
CA ALA A 138 20.32 3.56 -9.60
C ALA A 138 19.03 3.44 -8.74
N THR A 139 19.03 4.13 -7.60
CA THR A 139 17.86 4.19 -6.69
C THR A 139 16.68 4.85 -7.30
N VAL A 140 16.93 5.98 -7.97
CA VAL A 140 15.86 6.73 -8.68
C VAL A 140 15.24 5.81 -9.76
N ASP A 141 16.12 5.16 -10.53
CA ASP A 141 15.64 4.22 -11.60
C ASP A 141 14.79 3.08 -11.07
N LEU A 142 15.20 2.55 -9.93
CA LEU A 142 14.51 1.55 -9.26
C LEU A 142 13.12 2.00 -8.82
N ILE A 143 13.04 3.16 -8.15
CA ILE A 143 11.75 3.66 -7.76
C ILE A 143 10.81 3.77 -9.03
N GLU A 144 11.40 4.28 -10.11
CA GLU A 144 10.58 4.62 -11.30
C GLU A 144 10.08 3.34 -11.96
N LYS A 145 10.74 2.21 -11.71
CA LYS A 145 10.30 0.92 -12.19
C LYS A 145 9.00 0.53 -11.59
N THR A 146 8.69 1.02 -10.39
CA THR A 146 7.45 0.71 -9.77
C THR A 146 6.30 1.56 -10.22
N GLN A 147 6.65 2.61 -10.94
CA GLN A 147 5.74 3.63 -11.46
C GLN A 147 5.49 4.71 -10.43
N ALA A 148 6.03 4.59 -9.21
CA ALA A 148 6.01 5.69 -8.24
C ALA A 148 6.89 6.80 -8.74
N LYS A 149 6.88 7.89 -8.00
CA LYS A 149 7.59 9.09 -8.47
C LYS A 149 8.59 9.45 -7.35
N VAL A 150 9.73 10.01 -7.77
CA VAL A 150 10.73 10.49 -6.80
C VAL A 150 10.39 11.87 -6.33
N ALA A 151 10.09 12.04 -5.06
CA ALA A 151 9.84 13.38 -4.53
C ALA A 151 11.13 14.22 -4.39
N GLY A 152 12.24 13.58 -4.04
CA GLY A 152 13.53 14.17 -3.94
C GLY A 152 14.57 13.22 -3.35
N LEU A 153 15.79 13.72 -3.19
CA LEU A 153 16.84 12.97 -2.55
C LEU A 153 17.46 13.90 -1.52
N ILE A 154 17.77 13.42 -0.34
CA ILE A 154 18.45 14.28 0.69
C ILE A 154 19.66 13.45 1.31
N PHE A 155 20.77 14.12 1.56
CA PHE A 155 22.00 13.59 2.02
C PHE A 155 22.45 14.38 3.25
N VAL A 156 23.18 13.76 4.12
CA VAL A 156 23.79 14.45 5.18
C VAL A 156 24.95 15.34 4.58
N MET A 157 25.66 14.80 3.58
CA MET A 157 26.85 15.40 3.00
C MET A 157 26.91 15.30 1.52
N GLU A 158 27.51 16.32 0.88
CA GLU A 158 27.77 16.34 -0.58
C GLU A 158 29.23 16.62 -0.74
N LEU A 159 29.87 15.88 -1.64
CA LEU A 159 31.26 16.17 -2.01
C LEU A 159 31.33 17.07 -3.22
N ASP A 160 31.66 18.32 -2.96
CA ASP A 160 31.76 19.40 -4.00
C ASP A 160 32.45 18.88 -5.24
N GLY A 161 31.87 18.95 -6.40
CA GLY A 161 32.61 18.75 -7.70
C GLY A 161 32.82 17.34 -8.17
N LEU A 162 32.25 16.36 -7.51
CA LEU A 162 32.34 15.02 -8.04
C LEU A 162 31.18 14.65 -8.96
N GLY A 163 30.27 15.57 -9.24
CA GLY A 163 29.31 15.36 -10.35
C GLY A 163 27.98 14.74 -9.93
N GLY A 164 27.77 14.51 -8.62
CA GLY A 164 26.53 13.72 -8.18
C GLY A 164 25.28 14.46 -8.49
N ARG A 165 25.34 15.76 -8.25
CA ARG A 165 24.19 16.59 -8.44
C ARG A 165 23.77 16.77 -9.92
N GLU A 166 24.76 16.74 -10.81
CA GLU A 166 24.56 16.70 -12.25
C GLU A 166 24.00 15.39 -12.71
N VAL A 167 24.50 14.29 -12.16
CA VAL A 167 24.00 12.95 -12.46
C VAL A 167 22.52 12.86 -12.13
N LEU A 168 22.14 13.57 -11.07
CA LEU A 168 20.78 13.63 -10.61
C LEU A 168 19.89 14.82 -11.12
N ALA A 169 20.25 15.34 -12.28
CA ALA A 169 19.58 16.48 -12.90
C ALA A 169 18.14 16.10 -13.12
N GLY A 170 17.27 17.04 -12.79
CA GLY A 170 15.87 16.79 -12.93
C GLY A 170 15.25 16.29 -11.66
N TYR A 171 16.06 16.14 -10.60
CA TYR A 171 15.47 15.65 -9.36
C TYR A 171 15.85 16.67 -8.33
N ASN A 172 15.01 16.90 -7.36
CA ASN A 172 15.39 17.80 -6.28
C ASN A 172 16.42 17.16 -5.34
N VAL A 173 17.58 17.79 -5.10
CA VAL A 173 18.64 17.23 -4.31
C VAL A 173 18.96 18.25 -3.23
N SER A 174 18.87 17.83 -1.98
CA SER A 174 19.37 18.60 -0.84
C SER A 174 20.58 17.87 -0.15
N ALA A 175 21.46 18.61 0.54
CA ALA A 175 22.54 18.06 1.28
C ALA A 175 22.75 18.99 2.44
N LEU A 176 22.94 18.49 3.68
CA LEU A 176 23.00 19.37 4.84
C LEU A 176 24.35 20.07 4.85
N ILE A 177 25.39 19.37 4.44
CA ILE A 177 26.78 19.85 4.59
C ILE A 177 27.49 19.55 3.32
N LYS A 178 28.38 20.42 2.99
CA LYS A 178 29.13 20.33 1.83
C LYS A 178 30.59 20.36 2.15
N PHE A 179 31.34 19.41 1.58
CA PHE A 179 32.81 19.31 1.67
C PHE A 179 33.53 19.33 0.33
N ASP B 2 -34.23 -11.06 14.16
CA ASP B 2 -33.46 -10.03 13.46
C ASP B 2 -32.89 -10.60 12.11
N ASP B 3 -32.01 -11.60 12.14
CA ASP B 3 -31.34 -12.09 10.89
C ASP B 3 -32.36 -12.81 10.00
N LYS B 4 -33.39 -13.44 10.57
CA LYS B 4 -34.44 -14.06 9.76
C LYS B 4 -35.14 -12.94 9.06
N MET B 5 -35.51 -11.94 9.83
CA MET B 5 -36.25 -10.80 9.32
C MET B 5 -35.47 -10.11 8.23
N ASN B 6 -34.18 -9.87 8.43
CA ASN B 6 -33.39 -9.24 7.39
C ASN B 6 -33.15 -10.09 6.17
N LEU B 7 -32.95 -11.39 6.35
CA LEU B 7 -32.92 -12.27 5.20
C LEU B 7 -34.23 -12.41 4.45
N ASP B 8 -35.36 -12.47 5.18
CA ASP B 8 -36.69 -12.33 4.55
C ASP B 8 -36.84 -11.07 3.71
N PHE B 9 -36.42 -9.91 4.24
CA PHE B 9 -36.45 -8.63 3.53
C PHE B 9 -35.74 -8.76 2.20
N ILE B 10 -34.54 -9.27 2.25
CA ILE B 10 -33.66 -9.40 1.02
C ILE B 10 -34.37 -10.32 0.03
N LYS B 11 -34.86 -11.47 0.48
CA LYS B 11 -35.60 -12.32 -0.44
C LYS B 11 -36.88 -11.69 -1.00
N SER B 12 -37.54 -10.86 -0.24
CA SER B 12 -38.84 -10.19 -0.64
C SER B 12 -38.64 -9.18 -1.83
N LYS B 13 -37.38 -8.81 -2.12
CA LYS B 13 -37.04 -7.86 -3.17
C LYS B 13 -36.30 -8.42 -4.45
N ILE B 14 -36.34 -9.74 -4.58
CA ILE B 14 -35.71 -10.40 -5.72
C ILE B 14 -36.80 -10.94 -6.59
N ALA B 15 -36.93 -10.37 -7.76
CA ALA B 15 -37.97 -10.86 -8.71
C ALA B 15 -37.39 -12.06 -9.48
N ALA B 16 -38.30 -12.82 -10.05
CA ALA B 16 -38.03 -13.99 -10.83
C ALA B 16 -38.61 -13.72 -12.23
N VAL B 17 -37.77 -13.75 -13.25
CA VAL B 17 -38.24 -13.32 -14.57
C VAL B 17 -38.12 -14.46 -15.59
N PRO B 18 -39.19 -14.94 -16.13
CA PRO B 18 -39.08 -16.09 -16.96
C PRO B 18 -38.34 -15.77 -18.21
N ASP B 19 -37.67 -16.77 -18.74
CA ASP B 19 -37.14 -16.75 -20.09
C ASP B 19 -36.16 -15.62 -20.34
N PHE B 20 -35.23 -15.43 -19.42
CA PHE B 20 -34.22 -14.42 -19.63
C PHE B 20 -32.95 -14.90 -19.03
N PRO B 21 -31.82 -14.78 -19.79
CA PRO B 21 -31.69 -14.11 -21.15
C PRO B 21 -32.09 -14.99 -22.29
N LYS B 22 -32.45 -16.26 -22.04
CA LYS B 22 -33.09 -17.04 -23.09
C LYS B 22 -34.14 -17.95 -22.53
N PRO B 23 -34.91 -18.61 -23.41
CA PRO B 23 -36.05 -19.42 -23.01
C PRO B 23 -35.68 -20.45 -21.93
N GLY B 24 -36.55 -20.59 -20.92
CA GLY B 24 -36.28 -21.56 -19.90
C GLY B 24 -35.29 -21.15 -18.86
N ILE B 25 -34.66 -19.99 -18.91
CA ILE B 25 -33.81 -19.60 -17.80
C ILE B 25 -34.62 -18.60 -16.96
N MET B 26 -34.87 -18.94 -15.70
CA MET B 26 -35.56 -18.05 -14.76
C MET B 26 -34.52 -17.04 -14.22
N PHE B 27 -34.66 -15.79 -14.54
CA PHE B 27 -33.71 -14.82 -14.14
C PHE B 27 -33.97 -14.29 -12.71
N ARG B 28 -32.92 -14.22 -11.88
CA ARG B 28 -33.06 -13.70 -10.52
C ARG B 28 -32.70 -12.23 -10.57
N ASP B 29 -33.71 -11.39 -10.52
CA ASP B 29 -33.56 -9.91 -10.77
C ASP B 29 -33.46 -9.13 -9.47
N ILE B 30 -32.27 -8.62 -9.20
CA ILE B 30 -32.00 -7.82 -8.01
C ILE B 30 -32.44 -6.43 -8.10
N THR B 31 -32.90 -5.93 -9.23
CA THR B 31 -33.23 -4.47 -9.32
C THR B 31 -34.23 -3.92 -8.25
N PRO B 32 -35.22 -4.74 -7.84
CA PRO B 32 -36.05 -4.11 -6.81
C PRO B 32 -35.34 -3.94 -5.47
N LEU B 33 -34.43 -4.86 -5.19
CA LEU B 33 -33.64 -4.83 -4.02
C LEU B 33 -32.75 -3.58 -4.04
N LEU B 34 -32.04 -3.37 -5.14
CA LEU B 34 -31.26 -2.16 -5.37
C LEU B 34 -32.07 -0.89 -5.22
N ALA B 35 -33.30 -0.82 -5.74
CA ALA B 35 -34.09 0.39 -5.73
C ALA B 35 -34.65 0.71 -4.30
N ASP B 36 -34.71 -0.27 -3.42
CA ASP B 36 -35.24 0.00 -2.10
C ASP B 36 -34.20 0.86 -1.30
N PRO B 37 -34.60 1.88 -0.52
CA PRO B 37 -33.57 2.72 0.17
C PRO B 37 -32.70 1.92 1.09
N GLN B 38 -33.19 0.81 1.65
CA GLN B 38 -32.38 -0.03 2.56
C GLN B 38 -31.83 -1.35 1.94
N GLY B 39 -32.09 -1.56 0.66
CA GLY B 39 -31.76 -2.84 0.02
C GLY B 39 -30.27 -3.17 0.14
N LEU B 40 -29.43 -2.30 -0.32
CA LEU B 40 -28.01 -2.50 -0.39
C LEU B 40 -27.39 -2.51 1.04
N ARG B 41 -27.88 -1.62 1.88
CA ARG B 41 -27.35 -1.59 3.26
CA ARG B 41 -27.39 -1.57 3.23
C ARG B 41 -27.68 -2.88 4.03
N LYS B 42 -28.96 -3.34 3.98
CA LYS B 42 -29.35 -4.57 4.65
C LYS B 42 -28.64 -5.74 4.04
N THR B 43 -28.49 -5.76 2.74
CA THR B 43 -27.76 -6.88 2.14
C THR B 43 -26.30 -6.98 2.63
N ALA B 44 -25.56 -5.85 2.58
CA ALA B 44 -24.20 -5.82 3.04
C ALA B 44 -24.15 -6.08 4.57
N GLU B 45 -25.07 -5.54 5.37
CA GLU B 45 -25.18 -5.95 6.79
C GLU B 45 -25.33 -7.47 7.05
N ALA B 46 -26.20 -8.11 6.26
CA ALA B 46 -26.35 -9.50 6.34
C ALA B 46 -25.07 -10.17 5.99
N MET B 47 -24.39 -9.70 4.96
CA MET B 47 -23.22 -10.39 4.53
C MET B 47 -22.13 -10.27 5.62
N ALA B 48 -21.97 -9.09 6.21
CA ALA B 48 -21.04 -8.96 7.33
C ALA B 48 -21.40 -9.87 8.51
N GLN B 49 -22.68 -9.98 8.87
CA GLN B 49 -23.07 -10.91 9.94
C GLN B 49 -22.65 -12.39 9.61
N GLU B 50 -22.85 -12.84 8.37
CA GLU B 50 -22.54 -14.20 7.94
C GLU B 50 -20.98 -14.37 7.97
N LEU B 51 -20.20 -13.43 7.53
CA LEU B 51 -18.75 -13.51 7.72
C LEU B 51 -18.32 -13.51 9.21
N LYS B 52 -18.97 -12.69 10.02
CA LYS B 52 -18.59 -12.66 11.42
C LYS B 52 -18.91 -14.05 12.06
N ASN B 53 -20.03 -14.63 11.69
CA ASN B 53 -20.45 -15.94 12.16
C ASN B 53 -19.51 -17.07 11.68
N LYS B 54 -19.07 -16.97 10.42
CA LYS B 54 -18.12 -17.94 9.87
C LYS B 54 -16.71 -17.69 10.27
N GLY B 55 -16.39 -16.69 11.10
CA GLY B 55 -15.03 -16.33 11.47
C GLY B 55 -14.12 -15.60 10.38
N ILE B 56 -14.71 -15.08 9.30
CA ILE B 56 -13.83 -14.60 8.15
C ILE B 56 -13.67 -13.15 8.23
N GLN B 57 -12.41 -12.74 8.33
CA GLN B 57 -11.98 -11.37 8.55
C GLN B 57 -11.08 -10.90 7.41
N PRO B 58 -11.66 -10.43 6.32
CA PRO B 58 -10.83 -9.98 5.17
C PRO B 58 -10.16 -8.69 5.38
N THR B 59 -9.14 -8.42 4.57
CA THR B 59 -8.49 -7.13 4.61
C THR B 59 -8.81 -6.19 3.45
N ILE B 60 -9.50 -6.72 2.47
CA ILE B 60 -9.86 -6.01 1.25
C ILE B 60 -10.90 -6.82 0.47
N VAL B 61 -11.72 -6.13 -0.30
CA VAL B 61 -12.80 -6.77 -1.07
C VAL B 61 -12.51 -6.70 -2.56
N ALA B 62 -12.77 -7.76 -3.32
CA ALA B 62 -12.71 -7.78 -4.77
C ALA B 62 -14.06 -8.10 -5.36
N GLY B 63 -14.42 -7.44 -6.46
CA GLY B 63 -15.63 -7.81 -7.22
C GLY B 63 -15.49 -7.64 -8.65
N THR B 64 -16.24 -8.47 -9.42
CA THR B 64 -16.06 -8.42 -10.88
C THR B 64 -17.06 -7.49 -11.54
N GLU B 65 -16.63 -7.00 -12.67
CA GLU B 65 -17.37 -6.05 -13.38
C GLU B 65 -18.63 -6.80 -14.02
N SER B 66 -19.86 -6.44 -13.77
CA SER B 66 -20.31 -5.29 -12.98
C SER B 66 -21.14 -5.51 -11.73
N ARG B 67 -21.74 -6.62 -11.57
CA ARG B 67 -22.76 -6.73 -10.48
C ARG B 67 -21.94 -6.97 -9.15
N GLY B 68 -20.73 -7.58 -9.35
CA GLY B 68 -19.71 -7.65 -8.33
C GLY B 68 -19.30 -6.30 -7.76
N PHE B 69 -19.34 -5.29 -8.69
CA PHE B 69 -19.17 -3.93 -8.28
C PHE B 69 -20.20 -3.47 -7.26
N ILE B 70 -21.41 -3.84 -7.49
CA ILE B 70 -22.48 -3.27 -6.64
C ILE B 70 -22.35 -3.75 -5.19
N PHE B 71 -22.50 -5.05 -5.04
CA PHE B 71 -22.47 -5.70 -3.73
C PHE B 71 -21.13 -5.65 -3.06
N GLY B 72 -20.07 -5.70 -3.86
CA GLY B 72 -18.71 -5.53 -3.32
C GLY B 72 -18.43 -4.19 -2.65
N VAL B 73 -18.80 -3.13 -3.34
CA VAL B 73 -18.69 -1.82 -2.82
C VAL B 73 -19.51 -1.60 -1.55
N ALA B 74 -20.74 -2.08 -1.54
CA ALA B 74 -21.60 -1.87 -0.37
C ALA B 74 -21.03 -2.65 0.81
N LEU B 75 -20.49 -3.86 0.56
CA LEU B 75 -19.85 -4.59 1.63
C LEU B 75 -18.55 -3.93 2.16
N ALA B 76 -17.70 -3.52 1.23
CA ALA B 76 -16.48 -2.87 1.68
C ALA B 76 -16.73 -1.63 2.57
N GLU B 77 -17.80 -0.89 2.31
CA GLU B 77 -18.23 0.19 3.19
C GLU B 77 -18.61 -0.34 4.56
N VAL B 78 -19.39 -1.40 4.65
CA VAL B 78 -19.77 -1.94 5.94
C VAL B 78 -18.53 -2.43 6.74
N LEU B 79 -17.59 -3.11 6.07
CA LEU B 79 -16.38 -3.60 6.69
C LEU B 79 -15.29 -2.53 6.95
N GLY B 80 -15.40 -1.33 6.40
CA GLY B 80 -14.33 -0.29 6.45
C GLY B 80 -13.11 -0.68 5.62
N LEU B 81 -13.31 -1.42 4.52
CA LEU B 81 -12.20 -1.87 3.68
C LEU B 81 -12.19 -1.20 2.33
N GLY B 82 -11.04 -1.36 1.62
CA GLY B 82 -10.89 -0.99 0.26
C GLY B 82 -11.57 -1.97 -0.69
N PHE B 83 -11.62 -1.56 -1.96
CA PHE B 83 -12.22 -2.28 -3.06
C PHE B 83 -11.35 -2.38 -4.26
N VAL B 84 -11.30 -3.59 -4.89
CA VAL B 84 -10.59 -3.83 -6.06
C VAL B 84 -11.48 -4.36 -7.14
N PRO B 85 -11.60 -3.66 -8.27
CA PRO B 85 -12.38 -4.13 -9.43
C PRO B 85 -11.62 -5.11 -10.28
N VAL B 86 -12.29 -6.18 -10.58
CA VAL B 86 -11.81 -7.25 -11.45
C VAL B 86 -12.55 -6.98 -12.77
N ARG B 87 -11.84 -6.52 -13.78
CA ARG B 87 -12.39 -5.86 -14.92
C ARG B 87 -12.37 -6.68 -16.19
N LYS B 88 -13.20 -6.26 -17.12
CA LYS B 88 -13.17 -6.82 -18.44
C LYS B 88 -11.90 -6.34 -19.05
N PRO B 89 -11.47 -7.08 -20.08
CA PRO B 89 -10.15 -6.84 -20.64
C PRO B 89 -10.04 -5.49 -21.37
N GLY B 90 -8.83 -4.92 -21.33
CA GLY B 90 -8.48 -3.66 -21.97
C GLY B 90 -9.03 -2.44 -21.31
N LYS B 91 -9.49 -2.53 -20.05
CA LYS B 91 -10.03 -1.40 -19.28
C LYS B 91 -9.04 -0.88 -18.26
N LEU B 92 -8.29 -1.77 -17.65
CA LEU B 92 -7.25 -1.36 -16.69
C LEU B 92 -6.00 -0.78 -17.42
N PRO B 93 -5.46 0.35 -16.93
CA PRO B 93 -4.39 1.04 -17.58
C PRO B 93 -2.96 0.59 -17.29
N ARG B 94 -2.75 -0.06 -16.17
CA ARG B 94 -1.33 -0.41 -15.71
C ARG B 94 -1.19 -1.94 -15.79
N ALA B 95 -0.09 -2.51 -15.33
CA ALA B 95 0.19 -3.97 -15.51
C ALA B 95 -0.95 -4.77 -14.93
N THR B 96 -1.37 -5.79 -15.64
CA THR B 96 -2.48 -6.64 -15.21
C THR B 96 -2.09 -8.16 -15.19
N TYR B 97 -2.83 -8.93 -14.42
CA TYR B 97 -2.91 -10.39 -14.61
C TYR B 97 -4.24 -10.67 -15.25
N SER B 98 -4.30 -11.77 -15.99
CA SER B 98 -5.48 -12.13 -16.69
C SER B 98 -5.70 -13.64 -16.70
N VAL B 99 -6.95 -14.03 -16.90
CA VAL B 99 -7.40 -15.38 -16.90
C VAL B 99 -8.45 -15.43 -18.00
N LYS B 100 -8.49 -16.55 -18.77
CA LYS B 100 -9.73 -16.95 -19.58
C LYS B 100 -10.69 -17.91 -18.85
N ASP B 108 -13.66 -14.01 -24.12
CA ASP B 108 -13.45 -13.03 -23.04
C ASP B 108 -12.41 -13.44 -21.90
N SER B 109 -12.27 -12.58 -20.88
CA SER B 109 -11.20 -12.62 -19.90
C SER B 109 -11.58 -11.80 -18.70
N LEU B 110 -10.89 -11.99 -17.61
CA LEU B 110 -10.95 -11.07 -16.50
C LEU B 110 -9.51 -10.66 -16.11
N GLU B 111 -9.36 -9.41 -15.66
CA GLU B 111 -8.07 -8.82 -15.35
C GLU B 111 -8.10 -8.08 -14.02
N ILE B 112 -6.93 -8.07 -13.39
CA ILE B 112 -6.66 -7.22 -12.22
CA ILE B 112 -6.66 -7.26 -12.21
C ILE B 112 -5.32 -6.55 -12.40
N HIS B 113 -5.22 -5.35 -11.85
CA HIS B 113 -3.91 -4.77 -11.65
C HIS B 113 -3.06 -5.66 -10.81
N GLN B 114 -1.79 -5.81 -11.25
CA GLN B 114 -0.78 -6.61 -10.55
C GLN B 114 -0.54 -6.16 -9.10
N ASP B 115 -0.73 -4.86 -8.84
CA ASP B 115 -0.48 -4.24 -7.58
C ASP B 115 -1.78 -4.17 -6.80
N ALA B 116 -2.82 -4.89 -7.18
CA ALA B 116 -4.10 -4.64 -6.55
C ALA B 116 -4.05 -4.96 -5.04
N PHE B 117 -3.33 -6.00 -4.65
CA PHE B 117 -3.31 -6.51 -3.30
C PHE B 117 -1.87 -6.44 -2.69
N LYS B 118 -1.79 -6.29 -1.40
CA LYS B 118 -0.46 -6.50 -0.78
C LYS B 118 -0.18 -7.96 -0.50
N VAL B 119 1.08 -8.30 -0.21
CA VAL B 119 1.42 -9.65 0.14
C VAL B 119 0.68 -10.08 1.42
N THR B 120 0.30 -9.12 2.28
CA THR B 120 -0.43 -9.45 3.50
C THR B 120 -1.95 -9.49 3.34
N ASP B 121 -2.47 -9.23 2.14
CA ASP B 121 -3.92 -9.18 2.00
C ASP B 121 -4.56 -10.53 2.02
N GLU B 122 -5.78 -10.53 2.56
CA GLU B 122 -6.71 -11.65 2.60
C GLU B 122 -8.00 -11.19 1.98
N VAL B 123 -8.21 -11.62 0.75
CA VAL B 123 -9.17 -10.99 -0.14
C VAL B 123 -10.51 -11.70 -0.02
N LEU B 124 -11.58 -10.91 0.15
CA LEU B 124 -12.96 -11.37 0.04
C LEU B 124 -13.56 -11.10 -1.32
N VAL B 125 -14.02 -12.13 -1.99
CA VAL B 125 -14.62 -11.93 -3.30
C VAL B 125 -16.14 -11.84 -3.00
N VAL B 126 -16.79 -10.91 -3.65
CA VAL B 126 -18.21 -10.71 -3.46
C VAL B 126 -18.82 -10.71 -4.87
N ASP B 127 -20.01 -11.34 -5.01
CA ASP B 127 -20.74 -11.30 -6.27
C ASP B 127 -22.19 -11.50 -5.97
N ASP B 128 -22.99 -11.15 -6.94
CA ASP B 128 -24.42 -11.30 -6.76
C ASP B 128 -24.92 -12.75 -6.65
N LEU B 129 -24.41 -13.61 -7.49
CA LEU B 129 -24.98 -14.92 -7.69
C LEU B 129 -23.91 -15.99 -7.98
N LEU B 130 -23.97 -17.11 -7.30
CA LEU B 130 -23.18 -18.30 -7.56
C LEU B 130 -24.09 -19.30 -8.33
N ALA B 131 -23.67 -19.49 -9.59
CA ALA B 131 -24.33 -20.45 -10.53
C ALA B 131 -23.35 -21.53 -10.81
N THR B 132 -22.66 -21.48 -11.93
CA THR B 132 -21.72 -22.59 -12.20
C THR B 132 -20.35 -22.36 -11.50
N GLY B 133 -20.04 -21.11 -11.08
CA GLY B 133 -18.84 -20.81 -10.42
C GLY B 133 -17.66 -20.43 -11.29
N GLY B 134 -17.88 -20.26 -12.60
CA GLY B 134 -16.82 -19.99 -13.59
C GLY B 134 -16.12 -18.68 -13.37
N THR B 135 -16.90 -17.62 -13.16
CA THR B 135 -16.33 -16.32 -13.00
C THR B 135 -15.75 -16.13 -11.60
N ALA B 136 -16.35 -16.78 -10.59
CA ALA B 136 -15.82 -16.81 -9.21
C ALA B 136 -14.44 -17.46 -9.17
N LYS B 137 -14.36 -18.58 -9.88
CA LYS B 137 -13.14 -19.39 -9.89
C LYS B 137 -12.03 -18.67 -10.64
N ALA B 138 -12.36 -18.05 -11.78
CA ALA B 138 -11.44 -17.13 -12.49
C ALA B 138 -10.94 -15.96 -11.63
N THR B 139 -11.84 -15.39 -10.79
CA THR B 139 -11.44 -14.42 -9.81
C THR B 139 -10.45 -14.90 -8.80
N VAL B 140 -10.75 -16.05 -8.22
CA VAL B 140 -9.84 -16.63 -7.28
C VAL B 140 -8.45 -16.92 -7.93
N ASP B 141 -8.48 -17.48 -9.16
CA ASP B 141 -7.21 -17.75 -9.92
C ASP B 141 -6.40 -16.46 -10.08
N LEU B 142 -7.11 -15.36 -10.42
CA LEU B 142 -6.43 -14.13 -10.61
C LEU B 142 -5.85 -13.61 -9.33
N ILE B 143 -6.62 -13.66 -8.25
CA ILE B 143 -6.07 -13.26 -6.94
C ILE B 143 -4.81 -14.03 -6.56
N GLU B 144 -4.87 -15.32 -6.85
CA GLU B 144 -3.71 -16.16 -6.54
C GLU B 144 -2.57 -15.95 -7.51
N LYS B 145 -2.74 -15.19 -8.58
CA LYS B 145 -1.50 -14.71 -9.30
C LYS B 145 -0.75 -13.57 -8.62
N THR B 146 -1.40 -12.93 -7.66
CA THR B 146 -0.76 -11.86 -6.89
C THR B 146 -0.03 -12.53 -5.73
N GLN B 147 0.56 -11.75 -4.85
CA GLN B 147 1.12 -12.32 -3.65
C GLN B 147 0.08 -12.55 -2.48
N ALA B 148 -1.20 -12.21 -2.69
CA ALA B 148 -2.18 -12.27 -1.60
C ALA B 148 -2.85 -13.60 -1.59
N LYS B 149 -3.83 -13.74 -0.69
CA LYS B 149 -4.56 -15.00 -0.67
C LYS B 149 -6.04 -14.72 -0.57
N VAL B 150 -6.85 -15.77 -0.79
CA VAL B 150 -8.30 -15.65 -0.75
C VAL B 150 -8.78 -15.93 0.69
N ALA B 151 -9.51 -15.00 1.33
CA ALA B 151 -10.13 -15.18 2.58
C ALA B 151 -11.43 -15.95 2.41
N GLY B 152 -12.14 -15.70 1.34
CA GLY B 152 -13.33 -16.38 1.08
C GLY B 152 -14.14 -15.71 0.03
N LEU B 153 -15.32 -16.23 -0.20
CA LEU B 153 -16.25 -15.70 -1.20
C LEU B 153 -17.68 -15.65 -0.58
N ILE B 154 -18.43 -14.63 -0.96
CA ILE B 154 -19.82 -14.50 -0.55
C ILE B 154 -20.66 -13.95 -1.65
N PHE B 155 -21.85 -14.43 -1.70
CA PHE B 155 -22.79 -14.13 -2.76
C PHE B 155 -24.12 -13.74 -2.10
N VAL B 156 -24.94 -12.97 -2.81
CA VAL B 156 -26.31 -12.83 -2.35
C VAL B 156 -27.08 -14.13 -2.51
N MET B 157 -26.91 -14.68 -3.71
CA MET B 157 -27.71 -15.86 -4.19
C MET B 157 -26.85 -17.01 -4.64
N GLU B 158 -27.34 -18.23 -4.38
CA GLU B 158 -26.73 -19.41 -4.93
C GLU B 158 -27.85 -20.24 -5.60
N LEU B 159 -27.50 -20.78 -6.72
CA LEU B 159 -28.41 -21.65 -7.48
C LEU B 159 -28.05 -23.07 -7.18
N ASP B 160 -29.00 -23.68 -6.47
CA ASP B 160 -28.90 -25.11 -5.99
C ASP B 160 -28.57 -26.11 -7.10
N GLY B 161 -27.48 -26.83 -6.98
CA GLY B 161 -27.17 -27.89 -7.97
C GLY B 161 -26.41 -27.52 -9.22
N LEU B 162 -26.08 -26.25 -9.48
CA LEU B 162 -25.30 -25.97 -10.67
C LEU B 162 -23.79 -26.19 -10.47
N GLY B 163 -23.36 -26.66 -9.26
CA GLY B 163 -22.00 -27.21 -9.03
C GLY B 163 -21.01 -26.15 -8.59
N GLY B 164 -21.54 -24.95 -8.34
CA GLY B 164 -20.65 -23.84 -8.11
C GLY B 164 -19.80 -23.99 -6.84
N ARG B 165 -20.43 -24.49 -5.76
CA ARG B 165 -19.69 -24.72 -4.52
C ARG B 165 -18.60 -25.74 -4.67
N GLU B 166 -18.89 -26.73 -5.50
CA GLU B 166 -17.94 -27.77 -5.84
C GLU B 166 -16.79 -27.23 -6.67
N VAL B 167 -17.08 -26.36 -7.66
CA VAL B 167 -16.03 -25.69 -8.43
C VAL B 167 -15.11 -24.85 -7.54
N LEU B 168 -15.63 -24.35 -6.44
CA LEU B 168 -14.87 -23.59 -5.36
C LEU B 168 -14.38 -24.40 -4.13
N ALA B 169 -14.21 -25.70 -4.34
CA ALA B 169 -13.66 -26.57 -3.33
C ALA B 169 -12.36 -26.01 -2.88
N GLY B 170 -12.17 -26.06 -1.56
CA GLY B 170 -10.95 -25.50 -0.93
C GLY B 170 -11.13 -24.05 -0.46
N TYR B 171 -12.29 -23.42 -0.77
CA TYR B 171 -12.43 -21.96 -0.46
C TYR B 171 -13.63 -21.87 0.37
N ASN B 172 -13.60 -21.01 1.36
CA ASN B 172 -14.82 -20.76 2.12
C ASN B 172 -15.89 -19.96 1.34
N VAL B 173 -17.10 -20.55 1.22
CA VAL B 173 -18.16 -19.99 0.40
C VAL B 173 -19.39 -19.80 1.24
N SER B 174 -19.92 -18.55 1.25
CA SER B 174 -21.19 -18.19 1.86
C SER B 174 -22.22 -17.70 0.83
N ALA B 175 -23.51 -18.00 1.01
CA ALA B 175 -24.53 -17.37 0.17
C ALA B 175 -25.73 -17.06 1.03
N LEU B 176 -26.32 -15.88 0.85
CA LEU B 176 -27.41 -15.52 1.72
C LEU B 176 -28.64 -16.30 1.38
N ILE B 177 -28.93 -16.51 0.11
CA ILE B 177 -30.23 -17.05 -0.32
C ILE B 177 -30.01 -18.11 -1.38
N LYS B 178 -30.78 -19.20 -1.35
CA LYS B 178 -30.57 -20.30 -2.31
C LYS B 178 -31.86 -20.45 -3.08
N PHE B 179 -31.74 -20.68 -4.39
CA PHE B 179 -32.89 -20.88 -5.26
C PHE B 179 -32.76 -22.20 -5.99
N MET C 5 -9.71 19.49 2.42
CA MET C 5 -8.65 18.43 2.47
C MET C 5 -9.11 17.09 1.89
N ASN C 6 -10.40 16.72 2.04
CA ASN C 6 -11.08 15.62 1.31
C ASN C 6 -10.67 15.65 -0.21
N LEU C 7 -10.81 16.81 -0.88
CA LEU C 7 -10.39 16.92 -2.28
C LEU C 7 -8.96 16.66 -2.56
N ASP C 8 -8.02 17.13 -1.71
CA ASP C 8 -6.64 16.75 -1.90
C ASP C 8 -6.40 15.28 -1.69
N PHE C 9 -7.06 14.70 -0.70
CA PHE C 9 -6.95 13.26 -0.49
C PHE C 9 -7.35 12.51 -1.79
N ILE C 10 -8.54 12.84 -2.30
CA ILE C 10 -9.06 12.14 -3.47
C ILE C 10 -8.09 12.28 -4.66
N LYS C 11 -7.68 13.52 -4.90
CA LYS C 11 -6.78 13.79 -5.97
C LYS C 11 -5.49 13.04 -5.85
N SER C 12 -5.00 12.91 -4.61
CA SER C 12 -3.75 12.10 -4.37
C SER C 12 -3.79 10.63 -4.68
N LYS C 13 -5.00 10.09 -4.86
CA LYS C 13 -5.19 8.68 -5.14
C LYS C 13 -5.64 8.42 -6.54
N ILE C 14 -5.74 9.44 -7.40
CA ILE C 14 -6.05 9.14 -8.77
C ILE C 14 -4.75 9.19 -9.55
N ALA C 15 -4.30 8.08 -10.12
CA ALA C 15 -2.96 8.04 -10.77
C ALA C 15 -3.12 8.60 -12.18
N ALA C 16 -2.14 9.32 -12.64
CA ALA C 16 -2.11 9.75 -14.00
C ALA C 16 -1.30 8.72 -14.79
N VAL C 17 -1.85 8.12 -15.83
CA VAL C 17 -1.19 7.12 -16.63
C VAL C 17 -1.08 7.58 -18.13
N PRO C 18 0.14 8.00 -18.58
CA PRO C 18 0.26 8.56 -19.93
C PRO C 18 0.00 7.54 -20.99
N ASP C 19 -0.50 7.96 -22.14
CA ASP C 19 -0.68 7.05 -23.29
C ASP C 19 -1.60 5.87 -23.16
N PHE C 20 -2.60 5.99 -22.29
CA PHE C 20 -3.66 5.02 -22.21
C PHE C 20 -5.04 5.63 -22.29
N PRO C 21 -5.97 5.02 -23.08
CA PRO C 21 -5.82 3.81 -23.90
C PRO C 21 -5.29 3.98 -25.30
N LYS C 22 -4.90 5.19 -25.74
CA LYS C 22 -4.33 5.46 -27.11
C LYS C 22 -3.16 6.42 -26.95
N PRO C 23 -2.30 6.58 -27.98
CA PRO C 23 -1.14 7.49 -27.76
C PRO C 23 -1.58 8.89 -27.30
N GLY C 24 -0.77 9.50 -26.48
CA GLY C 24 -1.05 10.87 -26.03
C GLY C 24 -2.18 11.12 -25.03
N ILE C 25 -2.95 10.11 -24.60
CA ILE C 25 -4.11 10.36 -23.73
C ILE C 25 -3.62 10.21 -22.34
N MET C 26 -3.94 11.15 -21.47
CA MET C 26 -3.49 11.04 -20.11
C MET C 26 -4.62 10.43 -19.22
N PHE C 27 -4.49 9.14 -18.92
CA PHE C 27 -5.58 8.43 -18.27
C PHE C 27 -5.60 8.75 -16.80
N ARG C 28 -6.81 8.98 -16.27
CA ARG C 28 -6.97 9.21 -14.84
C ARG C 28 -7.46 7.90 -14.20
N ASP C 29 -6.62 7.29 -13.38
CA ASP C 29 -6.82 5.88 -12.88
C ASP C 29 -7.34 5.97 -11.40
N ILE C 30 -8.63 5.62 -11.26
CA ILE C 30 -9.27 5.56 -9.95
C ILE C 30 -8.87 4.38 -9.05
N THR C 31 -8.17 3.36 -9.58
CA THR C 31 -7.97 2.16 -8.81
C THR C 31 -7.28 2.38 -7.47
N PRO C 32 -6.30 3.32 -7.36
CA PRO C 32 -5.71 3.51 -6.02
C PRO C 32 -6.68 4.16 -5.02
N LEU C 33 -7.60 5.00 -5.49
CA LEU C 33 -8.66 5.55 -4.71
C LEU C 33 -9.54 4.44 -4.19
N LEU C 34 -9.96 3.55 -5.11
CA LEU C 34 -10.85 2.44 -4.68
C LEU C 34 -10.21 1.50 -3.62
N ALA C 35 -8.92 1.25 -3.72
CA ALA C 35 -8.24 0.35 -2.86
C ALA C 35 -8.01 0.94 -1.48
N ASP C 36 -7.93 2.23 -1.32
CA ASP C 36 -7.69 2.84 -0.03
C ASP C 36 -8.97 2.68 0.77
N PRO C 37 -8.84 2.25 2.02
CA PRO C 37 -10.06 2.00 2.82
C PRO C 37 -10.91 3.19 3.02
N GLN C 38 -10.38 4.35 2.81
CA GLN C 38 -11.11 5.62 2.93
C GLN C 38 -11.55 6.24 1.59
N GLY C 39 -11.11 5.62 0.47
CA GLY C 39 -11.27 6.29 -0.79
C GLY C 39 -12.69 6.55 -1.20
N LEU C 40 -13.49 5.48 -1.26
CA LEU C 40 -14.87 5.56 -1.63
C LEU C 40 -15.70 6.28 -0.56
N ARG C 41 -15.38 6.14 0.72
CA ARG C 41 -16.22 6.94 1.75
C ARG C 41 -15.98 8.39 1.63
N LYS C 42 -14.72 8.80 1.53
CA LYS C 42 -14.38 10.21 1.29
C LYS C 42 -14.91 10.74 -0.04
N THR C 43 -14.89 9.95 -1.09
CA THR C 43 -15.37 10.45 -2.33
C THR C 43 -16.96 10.69 -2.24
N ALA C 44 -17.69 9.71 -1.72
CA ALA C 44 -19.15 9.83 -1.53
C ALA C 44 -19.44 11.03 -0.51
N GLU C 45 -18.64 11.24 0.51
CA GLU C 45 -18.83 12.43 1.42
C GLU C 45 -18.67 13.73 0.65
N ALA C 46 -17.62 13.83 -0.16
CA ALA C 46 -17.35 15.07 -0.93
C ALA C 46 -18.47 15.30 -1.97
N MET C 47 -18.99 14.21 -2.61
CA MET C 47 -20.14 14.38 -3.51
C MET C 47 -21.32 14.87 -2.72
N ALA C 48 -21.61 14.22 -1.60
CA ALA C 48 -22.80 14.60 -0.82
C ALA C 48 -22.68 16.10 -0.41
N GLN C 49 -21.48 16.50 0.03
CA GLN C 49 -21.20 17.90 0.39
C GLN C 49 -21.48 18.88 -0.76
N GLU C 50 -21.03 18.50 -1.94
CA GLU C 50 -21.24 19.25 -3.15
C GLU C 50 -22.73 19.38 -3.50
N LEU C 51 -23.49 18.26 -3.40
CA LEU C 51 -24.91 18.28 -3.70
C LEU C 51 -25.67 19.15 -2.66
N LYS C 52 -25.34 19.01 -1.38
CA LYS C 52 -25.93 19.85 -0.31
C LYS C 52 -25.73 21.31 -0.62
N ASN C 53 -24.48 21.67 -1.00
CA ASN C 53 -24.17 23.07 -1.30
C ASN C 53 -24.91 23.62 -2.55
N LYS C 54 -25.14 22.79 -3.57
CA LYS C 54 -25.99 23.15 -4.72
C LYS C 54 -27.48 23.01 -4.50
N GLY C 55 -27.98 22.60 -3.34
CA GLY C 55 -29.39 22.42 -3.15
C GLY C 55 -29.97 21.22 -3.96
N ILE C 56 -29.14 20.26 -4.35
CA ILE C 56 -29.61 19.06 -5.08
C ILE C 56 -29.93 17.95 -4.10
N GLN C 57 -31.21 17.52 -4.09
CA GLN C 57 -31.77 16.62 -3.02
C GLN C 57 -32.59 15.54 -3.70
N PRO C 58 -31.90 14.54 -4.25
CA PRO C 58 -32.59 13.62 -5.14
C PRO C 58 -33.35 12.58 -4.32
N THR C 59 -34.24 11.91 -5.01
CA THR C 59 -34.99 10.85 -4.39
C THR C 59 -34.39 9.48 -4.65
N ILE C 60 -33.51 9.35 -5.63
CA ILE C 60 -33.00 8.11 -6.03
C ILE C 60 -31.75 8.35 -6.84
N VAL C 61 -30.80 7.37 -6.86
CA VAL C 61 -29.55 7.54 -7.56
C VAL C 61 -29.55 6.59 -8.75
N ALA C 62 -29.06 7.06 -9.92
CA ALA C 62 -28.87 6.23 -11.11
C ALA C 62 -27.39 6.17 -11.41
N GLY C 63 -26.87 4.96 -11.45
CA GLY C 63 -25.45 4.78 -11.69
C GLY C 63 -25.24 4.14 -13.06
N THR C 64 -24.34 4.73 -13.82
CA THR C 64 -23.99 4.30 -15.16
C THR C 64 -23.05 3.11 -15.12
N GLU C 65 -23.39 2.09 -15.87
CA GLU C 65 -22.54 0.95 -15.96
C GLU C 65 -21.20 1.28 -16.64
N SER C 66 -20.02 0.83 -16.11
CA SER C 66 -19.85 0.14 -14.87
C SER C 66 -19.31 0.98 -13.70
N ARG C 67 -18.69 2.13 -13.97
CA ARG C 67 -18.03 2.89 -12.90
C ARG C 67 -18.98 3.71 -12.10
N GLY C 68 -20.12 4.05 -12.73
CA GLY C 68 -21.18 4.73 -12.03
C GLY C 68 -21.80 3.82 -10.96
N PHE C 69 -21.68 2.49 -11.15
CA PHE C 69 -22.20 1.51 -10.16
C PHE C 69 -21.36 1.77 -8.90
N ILE C 70 -20.03 1.87 -9.09
CA ILE C 70 -19.15 2.05 -7.90
C ILE C 70 -19.46 3.32 -7.08
N PHE C 71 -19.39 4.47 -7.77
CA PHE C 71 -19.60 5.70 -7.14
C PHE C 71 -21.05 5.95 -6.77
N GLY C 72 -21.96 5.40 -7.58
CA GLY C 72 -23.38 5.61 -7.33
C GLY C 72 -23.80 4.83 -6.12
N VAL C 73 -23.36 3.60 -6.01
CA VAL C 73 -23.64 2.82 -4.83
C VAL C 73 -23.07 3.49 -3.56
N ALA C 74 -21.80 3.95 -3.59
CA ALA C 74 -21.23 4.59 -2.38
C ALA C 74 -21.99 5.85 -1.97
N LEU C 75 -22.42 6.62 -3.01
CA LEU C 75 -23.24 7.81 -2.75
C LEU C 75 -24.66 7.52 -2.29
N ALA C 76 -25.30 6.54 -2.94
CA ALA C 76 -26.64 6.15 -2.49
C ALA C 76 -26.66 5.77 -0.97
N GLU C 77 -25.59 5.16 -0.51
CA GLU C 77 -25.50 4.82 0.90
C GLU C 77 -25.39 6.02 1.81
N VAL C 78 -24.52 6.97 1.49
CA VAL C 78 -24.39 8.21 2.28
C VAL C 78 -25.70 9.02 2.21
N LEU C 79 -26.38 9.08 1.09
CA LEU C 79 -27.65 9.77 1.08
C LEU C 79 -28.86 9.03 1.72
N GLY C 80 -28.81 7.74 1.98
CA GLY C 80 -30.00 7.08 2.38
C GLY C 80 -30.97 6.74 1.22
N LEU C 81 -30.51 6.53 -0.03
CA LEU C 81 -31.44 6.39 -1.17
C LEU C 81 -31.19 5.09 -1.83
N GLY C 82 -32.18 4.70 -2.63
CA GLY C 82 -32.06 3.59 -3.55
C GLY C 82 -31.17 3.86 -4.73
N PHE C 83 -30.96 2.83 -5.48
CA PHE C 83 -30.03 2.79 -6.58
C PHE C 83 -30.64 2.10 -7.79
N VAL C 84 -30.49 2.65 -8.98
CA VAL C 84 -30.98 2.08 -10.22
C VAL C 84 -29.80 1.94 -11.16
N PRO C 85 -29.63 0.77 -11.75
CA PRO C 85 -28.54 0.68 -12.65
C PRO C 85 -28.93 1.08 -14.01
N VAL C 86 -28.06 1.88 -14.63
CA VAL C 86 -28.19 2.22 -16.05
C VAL C 86 -27.25 1.35 -16.84
N ARG C 87 -27.84 0.44 -17.62
CA ARG C 87 -27.08 -0.66 -18.12
C ARG C 87 -26.80 -0.73 -19.61
N LYS C 88 -25.78 -1.45 -19.93
CA LYS C 88 -25.42 -1.81 -21.32
C LYS C 88 -26.52 -2.73 -21.80
N PRO C 89 -26.66 -2.84 -23.12
CA PRO C 89 -27.81 -3.54 -23.65
C PRO C 89 -27.79 -4.99 -23.35
N GLY C 90 -28.96 -5.59 -23.10
CA GLY C 90 -28.98 -7.04 -23.02
C GLY C 90 -28.78 -7.54 -21.60
N LYS C 91 -28.69 -6.65 -20.59
CA LYS C 91 -28.44 -7.10 -19.20
CA LYS C 91 -28.42 -7.09 -19.20
C LYS C 91 -29.67 -7.08 -18.32
N LEU C 92 -30.54 -6.12 -18.58
CA LEU C 92 -31.69 -5.90 -17.75
C LEU C 92 -32.77 -6.91 -18.26
N PRO C 93 -33.46 -7.59 -17.30
CA PRO C 93 -34.46 -8.67 -17.72
C PRO C 93 -35.86 -8.32 -18.05
N ARG C 94 -36.35 -7.18 -17.59
CA ARG C 94 -37.73 -6.79 -17.73
C ARG C 94 -37.84 -5.67 -18.78
N ALA C 95 -39.01 -5.13 -19.00
CA ALA C 95 -39.21 -4.15 -20.12
C ALA C 95 -38.26 -2.96 -19.86
N THR C 96 -37.54 -2.55 -20.89
CA THR C 96 -36.63 -1.38 -20.83
C THR C 96 -36.99 -0.20 -21.74
N TYR C 97 -36.48 0.98 -21.39
CA TYR C 97 -36.25 1.99 -22.33
C TYR C 97 -34.78 1.94 -22.79
N SER C 98 -34.56 2.50 -23.97
CA SER C 98 -33.24 2.43 -24.64
C SER C 98 -32.90 3.74 -25.34
N VAL C 99 -31.69 4.23 -25.20
CA VAL C 99 -31.27 5.39 -25.98
C VAL C 99 -29.95 5.04 -26.64
N LYS C 100 -29.81 5.32 -27.93
CA LYS C 100 -28.55 5.22 -28.66
C LYS C 100 -27.68 6.49 -28.47
N TYR C 101 -26.37 6.34 -28.43
CA TYR C 101 -25.45 7.46 -28.33
C TYR C 101 -24.25 7.05 -29.16
N ASP C 102 -23.43 8.02 -29.52
CA ASP C 102 -22.22 7.78 -30.36
C ASP C 102 -20.91 7.48 -29.63
N LEU C 103 -20.25 6.42 -30.09
CA LEU C 103 -18.91 6.07 -29.64
C LEU C 103 -17.93 6.67 -30.70
N GLU C 104 -16.62 6.63 -30.46
CA GLU C 104 -15.60 7.32 -31.29
C GLU C 104 -15.70 6.96 -32.81
N TYR C 105 -15.71 5.63 -33.11
CA TYR C 105 -15.97 5.06 -34.48
C TYR C 105 -17.50 4.92 -34.83
N GLY C 106 -18.25 4.11 -34.06
CA GLY C 106 -19.67 3.82 -34.34
C GLY C 106 -20.53 4.20 -33.15
N SER C 107 -21.63 3.48 -32.92
CA SER C 107 -22.53 3.80 -31.76
C SER C 107 -22.92 2.59 -30.84
N ASP C 108 -23.31 2.91 -29.58
CA ASP C 108 -23.91 1.91 -28.66
C ASP C 108 -25.23 2.47 -27.98
N SER C 109 -25.70 1.77 -26.94
CA SER C 109 -26.94 2.05 -26.26
CA SER C 109 -26.89 2.19 -26.24
C SER C 109 -26.81 1.93 -24.77
N LEU C 110 -27.69 2.58 -24.05
CA LEU C 110 -27.89 2.31 -22.66
C LEU C 110 -29.38 2.08 -22.41
N GLU C 111 -29.64 1.33 -21.35
CA GLU C 111 -31.02 0.93 -20.93
C GLU C 111 -31.34 1.15 -19.47
N ILE C 112 -32.62 1.42 -19.20
CA ILE C 112 -33.16 1.28 -17.90
C ILE C 112 -34.50 0.49 -17.94
N HIS C 113 -34.81 -0.13 -16.83
CA HIS C 113 -36.12 -0.66 -16.60
C HIS C 113 -37.12 0.45 -16.67
N GLN C 114 -38.19 0.14 -17.40
CA GLN C 114 -39.22 1.12 -17.56
C GLN C 114 -39.88 1.49 -16.23
N ASP C 115 -39.86 0.62 -15.22
CA ASP C 115 -40.49 0.91 -13.91
C ASP C 115 -39.42 1.47 -13.00
N ALA C 116 -38.20 1.81 -13.49
CA ALA C 116 -37.11 2.20 -12.54
C ALA C 116 -37.45 3.45 -11.78
N PHE C 117 -38.16 4.39 -12.40
CA PHE C 117 -38.51 5.61 -11.69
C PHE C 117 -40.02 5.92 -11.78
N LYS C 118 -40.50 6.64 -10.82
CA LYS C 118 -41.86 7.18 -10.76
C LYS C 118 -41.87 8.58 -11.32
N VAL C 119 -43.07 9.02 -11.72
CA VAL C 119 -43.27 10.40 -12.20
C VAL C 119 -42.76 11.41 -11.16
N THR C 120 -42.81 11.08 -9.86
CA THR C 120 -42.46 11.98 -8.76
C THR C 120 -40.98 11.92 -8.32
N ASP C 121 -40.20 11.11 -9.01
CA ASP C 121 -38.75 10.90 -8.58
C ASP C 121 -37.90 12.09 -9.09
N GLU C 122 -36.82 12.37 -8.45
CA GLU C 122 -35.83 13.37 -8.83
C GLU C 122 -34.50 12.63 -8.85
N VAL C 123 -34.01 12.29 -10.04
CA VAL C 123 -32.97 11.27 -10.19
C VAL C 123 -31.57 11.89 -10.30
N LEU C 124 -30.65 11.50 -9.47
CA LEU C 124 -29.30 11.95 -9.60
C LEU C 124 -28.50 10.94 -10.41
N VAL C 125 -27.80 11.37 -11.46
CA VAL C 125 -26.93 10.55 -12.18
C VAL C 125 -25.52 10.64 -11.62
N VAL C 126 -24.85 9.48 -11.46
CA VAL C 126 -23.44 9.40 -10.95
C VAL C 126 -22.63 8.70 -11.97
N ASP C 127 -21.41 9.20 -12.17
CA ASP C 127 -20.45 8.49 -12.97
C ASP C 127 -19.06 8.94 -12.52
N ASP C 128 -18.06 8.22 -13.01
CA ASP C 128 -16.70 8.54 -12.62
C ASP C 128 -16.22 9.85 -13.27
N LEU C 129 -16.48 9.97 -14.56
CA LEU C 129 -15.80 10.98 -15.37
C LEU C 129 -16.67 11.55 -16.47
N LEU C 130 -16.76 12.87 -16.60
CA LEU C 130 -17.42 13.57 -17.73
C LEU C 130 -16.34 13.97 -18.77
N ALA C 131 -16.43 13.40 -19.95
CA ALA C 131 -15.57 13.65 -21.08
C ALA C 131 -16.45 14.26 -22.14
N THR C 132 -16.88 13.51 -23.16
CA THR C 132 -17.72 14.03 -24.22
C THR C 132 -19.17 14.24 -23.78
N GLY C 133 -19.57 13.60 -22.71
CA GLY C 133 -20.96 13.69 -22.25
C GLY C 133 -21.90 12.71 -22.93
N GLY C 134 -21.43 11.88 -23.87
CA GLY C 134 -22.30 10.94 -24.59
C GLY C 134 -23.18 10.00 -23.70
N THR C 135 -22.57 9.28 -22.75
CA THR C 135 -23.31 8.37 -21.98
C THR C 135 -24.14 9.11 -20.96
N ALA C 136 -23.71 10.26 -20.46
CA ALA C 136 -24.48 11.00 -19.45
C ALA C 136 -25.74 11.56 -20.14
N LYS C 137 -25.62 12.09 -21.38
CA LYS C 137 -26.77 12.64 -22.11
C LYS C 137 -27.77 11.56 -22.46
N ALA C 138 -27.29 10.39 -22.81
CA ALA C 138 -28.19 9.23 -23.04
C ALA C 138 -28.94 8.86 -21.77
N THR C 139 -28.25 9.00 -20.66
CA THR C 139 -28.84 8.68 -19.36
C THR C 139 -29.98 9.62 -19.01
N VAL C 140 -29.67 10.92 -19.13
CA VAL C 140 -30.69 11.96 -18.92
C VAL C 140 -31.96 11.61 -19.79
N ASP C 141 -31.72 11.27 -21.06
CA ASP C 141 -32.80 10.90 -22.00
C ASP C 141 -33.64 9.70 -21.56
N LEU C 142 -32.95 8.70 -21.06
CA LEU C 142 -33.58 7.56 -20.48
C LEU C 142 -34.47 7.96 -19.34
N ILE C 143 -33.95 8.70 -18.37
CA ILE C 143 -34.72 9.15 -17.19
C ILE C 143 -35.99 9.87 -17.63
N GLU C 144 -35.81 10.75 -18.65
CA GLU C 144 -36.91 11.50 -19.11
C GLU C 144 -37.96 10.73 -19.79
N LYS C 145 -37.67 9.56 -20.30
CA LYS C 145 -38.68 8.70 -20.87
C LYS C 145 -39.56 8.19 -19.77
N THR C 146 -39.17 8.19 -18.51
CA THR C 146 -40.17 7.74 -17.45
C THR C 146 -41.00 8.89 -16.90
N GLN C 147 -40.72 10.10 -17.39
CA GLN C 147 -41.27 11.35 -16.87
C GLN C 147 -40.88 11.75 -15.40
N ALA C 148 -39.91 11.02 -14.78
CA ALA C 148 -39.21 11.56 -13.63
C ALA C 148 -38.39 12.78 -14.04
N LYS C 149 -37.92 13.50 -13.06
CA LYS C 149 -37.10 14.69 -13.29
C LYS C 149 -35.62 14.29 -13.06
N VAL C 150 -34.67 14.84 -13.81
CA VAL C 150 -33.27 14.73 -13.48
C VAL C 150 -32.91 15.83 -12.51
N ALA C 151 -32.56 15.48 -11.32
CA ALA C 151 -32.15 16.37 -10.33
C ALA C 151 -30.74 16.95 -10.58
N GLY C 152 -29.85 16.14 -11.10
CA GLY C 152 -28.54 16.61 -11.47
C GLY C 152 -27.67 15.43 -11.94
N LEU C 153 -26.44 15.74 -12.29
CA LEU C 153 -25.44 14.78 -12.58
C LEU C 153 -24.21 15.15 -11.77
N ILE C 154 -23.46 14.14 -11.25
CA ILE C 154 -22.27 14.39 -10.45
C ILE C 154 -21.25 13.36 -10.83
N PHE C 155 -20.01 13.83 -11.02
CA PHE C 155 -18.85 13.03 -11.46
C PHE C 155 -17.68 13.21 -10.52
N VAL C 156 -16.81 12.22 -10.40
CA VAL C 156 -15.60 12.48 -9.67
C VAL C 156 -14.75 13.49 -10.39
N MET C 157 -14.65 13.30 -11.71
CA MET C 157 -13.75 14.05 -12.57
C MET C 157 -14.46 14.62 -13.81
N GLU C 158 -14.03 15.81 -14.23
CA GLU C 158 -14.40 16.40 -15.52
C GLU C 158 -13.12 16.77 -16.30
N LEU C 159 -13.14 16.50 -17.61
CA LEU C 159 -11.99 16.81 -18.44
C LEU C 159 -12.35 18.08 -19.17
N ASP C 160 -11.59 19.14 -18.87
CA ASP C 160 -11.69 20.48 -19.52
C ASP C 160 -11.68 20.40 -21.06
N GLY C 161 -12.66 21.03 -21.67
CA GLY C 161 -12.74 21.28 -23.10
C GLY C 161 -13.15 20.13 -23.97
N LEU C 162 -13.72 19.11 -23.38
CA LEU C 162 -14.18 17.99 -24.21
C LEU C 162 -15.71 18.14 -24.58
N GLY C 163 -16.37 19.17 -24.04
CA GLY C 163 -17.73 19.55 -24.38
C GLY C 163 -18.86 18.93 -23.58
N GLY C 164 -18.52 18.14 -22.59
CA GLY C 164 -19.50 17.40 -21.81
C GLY C 164 -20.48 18.26 -21.07
N ARG C 165 -20.01 19.30 -20.34
CA ARG C 165 -20.96 20.23 -19.70
C ARG C 165 -22.00 20.95 -20.62
N GLU C 166 -21.52 21.27 -21.83
CA GLU C 166 -22.39 21.87 -22.88
C GLU C 166 -23.33 20.89 -23.51
N VAL C 167 -22.89 19.65 -23.72
CA VAL C 167 -23.85 18.59 -24.13
C VAL C 167 -24.95 18.50 -23.05
N LEU C 168 -24.63 18.76 -21.80
CA LEU C 168 -25.60 18.61 -20.68
C LEU C 168 -26.22 19.92 -20.30
N ALA C 169 -26.17 20.85 -21.26
CA ALA C 169 -26.87 22.08 -21.16
C ALA C 169 -28.26 21.86 -20.70
N GLY C 170 -28.53 22.56 -19.63
CA GLY C 170 -29.91 22.50 -19.15
C GLY C 170 -30.05 21.67 -17.91
N TYR C 171 -28.94 21.08 -17.40
CA TYR C 171 -28.99 20.15 -16.22
C TYR C 171 -27.97 20.67 -15.25
N ASN C 172 -28.19 20.46 -13.98
CA ASN C 172 -27.19 20.79 -13.01
CA ASN C 172 -27.21 20.70 -12.94
C ASN C 172 -26.04 19.70 -13.01
N VAL C 173 -24.81 20.15 -13.20
CA VAL C 173 -23.68 19.31 -13.36
C VAL C 173 -22.64 19.69 -12.32
N SER C 174 -22.20 18.69 -11.55
CA SER C 174 -21.00 18.78 -10.66
C SER C 174 -19.89 17.82 -10.94
N ALA C 175 -18.66 18.26 -10.66
CA ALA C 175 -17.50 17.38 -10.77
C ALA C 175 -16.57 17.81 -9.66
N LEU C 176 -16.07 16.83 -8.91
CA LEU C 176 -15.20 17.11 -7.78
C LEU C 176 -13.86 17.65 -8.21
N ILE C 177 -13.33 17.09 -9.28
CA ILE C 177 -12.01 17.47 -9.78
C ILE C 177 -12.05 17.77 -11.22
N LYS C 178 -11.37 18.85 -11.61
CA LYS C 178 -11.28 19.20 -12.97
C LYS C 178 -9.83 18.97 -13.53
N PHE C 179 -9.65 18.20 -14.59
CA PHE C 179 -8.33 17.99 -15.26
C PHE C 179 -8.31 18.49 -16.72
N MET D 5 -2.04 -7.48 21.01
CA MET D 5 -2.54 -6.54 19.95
C MET D 5 -1.35 -5.94 19.17
N ASN D 6 -0.35 -5.42 19.88
CA ASN D 6 0.92 -4.85 19.29
C ASN D 6 1.84 -5.89 18.58
N LEU D 7 2.15 -6.96 19.31
CA LEU D 7 2.81 -8.12 18.79
C LEU D 7 2.08 -8.74 17.65
N ASP D 8 0.73 -8.83 17.76
CA ASP D 8 -0.04 -9.37 16.65
C ASP D 8 0.09 -8.48 15.40
N PHE D 9 0.05 -7.16 15.58
CA PHE D 9 0.24 -6.21 14.51
C PHE D 9 1.62 -6.46 13.85
N ILE D 10 2.68 -6.63 14.65
CA ILE D 10 3.99 -6.82 14.09
C ILE D 10 4.06 -8.13 13.33
N LYS D 11 3.68 -9.26 13.96
CA LYS D 11 3.58 -10.54 13.27
C LYS D 11 2.88 -10.47 11.99
N SER D 12 1.75 -9.78 11.95
CA SER D 12 0.91 -9.74 10.78
C SER D 12 1.62 -9.05 9.53
N LYS D 13 2.71 -8.30 9.79
CA LYS D 13 3.45 -7.62 8.74
C LYS D 13 4.77 -8.30 8.35
N ILE D 14 5.02 -9.49 8.90
CA ILE D 14 6.20 -10.27 8.59
C ILE D 14 5.69 -11.36 7.70
N ALA D 15 5.95 -11.20 6.41
CA ALA D 15 5.49 -12.14 5.42
C ALA D 15 6.34 -13.39 5.46
N ALA D 16 5.66 -14.52 5.36
CA ALA D 16 6.29 -15.84 5.25
C ALA D 16 6.60 -16.19 3.76
N VAL D 17 7.84 -16.39 3.37
CA VAL D 17 8.13 -16.59 1.92
C VAL D 17 8.83 -17.94 1.71
N PRO D 18 8.12 -18.90 1.09
CA PRO D 18 8.65 -20.27 0.99
C PRO D 18 9.73 -20.30 -0.01
N ASP D 19 10.74 -21.14 0.25
CA ASP D 19 11.75 -21.46 -0.77
C ASP D 19 12.73 -20.33 -1.06
N PHE D 20 13.05 -19.57 0.00
CA PHE D 20 14.05 -18.51 -0.11
C PHE D 20 14.87 -18.48 1.15
N PRO D 21 16.20 -18.42 0.98
CA PRO D 21 17.00 -18.30 -0.31
C PRO D 21 17.07 -19.54 -1.20
N LYS D 22 16.58 -20.66 -0.72
CA LYS D 22 16.68 -21.88 -1.51
C LYS D 22 15.51 -22.76 -1.20
N PRO D 23 15.27 -23.76 -2.08
CA PRO D 23 14.20 -24.73 -1.73
C PRO D 23 14.31 -25.17 -0.26
N GLY D 24 13.16 -25.26 0.42
CA GLY D 24 13.08 -25.75 1.79
C GLY D 24 13.01 -24.71 2.91
N ILE D 25 13.72 -23.57 2.79
CA ILE D 25 13.75 -22.55 3.87
C ILE D 25 12.52 -21.62 3.85
N MET D 26 11.90 -21.39 4.99
CA MET D 26 10.78 -20.46 5.11
C MET D 26 11.41 -19.16 5.55
N PHE D 27 11.42 -18.18 4.65
CA PHE D 27 12.01 -16.82 4.95
C PHE D 27 11.01 -15.94 5.63
N ARG D 28 11.45 -15.20 6.64
CA ARG D 28 10.59 -14.28 7.33
C ARG D 28 10.94 -12.89 6.87
N ASP D 29 9.98 -12.28 6.19
CA ASP D 29 10.21 -11.02 5.43
C ASP D 29 9.69 -9.78 6.14
N ILE D 30 10.63 -8.95 6.66
CA ILE D 30 10.26 -7.72 7.42
C ILE D 30 9.79 -6.55 6.51
N THR D 31 9.94 -6.66 5.18
CA THR D 31 9.62 -5.50 4.35
C THR D 31 8.25 -4.91 4.56
N PRO D 32 7.18 -5.73 4.68
CA PRO D 32 5.92 -5.05 4.84
C PRO D 32 5.77 -4.29 6.20
N LEU D 33 6.47 -4.75 7.23
CA LEU D 33 6.50 -4.15 8.50
C LEU D 33 7.19 -2.81 8.33
N LEU D 34 8.31 -2.80 7.57
CA LEU D 34 9.07 -1.53 7.45
C LEU D 34 8.28 -0.44 6.68
N ALA D 35 7.53 -0.88 5.69
CA ALA D 35 6.77 0.01 4.85
C ALA D 35 5.56 0.57 5.60
N ASP D 36 5.13 -0.09 6.63
CA ASP D 36 3.94 0.40 7.31
C ASP D 36 4.37 1.62 8.10
N PRO D 37 3.63 2.74 8.01
CA PRO D 37 4.05 3.91 8.78
C PRO D 37 4.17 3.75 10.27
N GLN D 38 3.60 2.70 10.84
N GLN D 38 3.52 2.73 10.80
CA GLN D 38 3.72 2.45 12.26
CA GLN D 38 3.58 2.41 12.23
C GLN D 38 4.52 1.18 12.61
C GLN D 38 4.57 1.27 12.59
N GLY D 39 5.07 0.52 11.59
CA GLY D 39 5.76 -0.72 11.78
C GLY D 39 7.02 -0.64 12.64
N LEU D 40 7.94 0.21 12.25
CA LEU D 40 9.16 0.42 13.03
C LEU D 40 8.90 1.05 14.37
N ARG D 41 8.03 2.04 14.48
N ARG D 41 8.01 2.04 14.48
CA ARG D 41 7.82 2.62 15.83
CA ARG D 41 7.72 2.66 15.82
C ARG D 41 7.14 1.63 16.81
C ARG D 41 7.15 1.61 16.80
N LYS D 42 6.16 0.85 16.38
CA LYS D 42 5.63 -0.20 17.16
C LYS D 42 6.59 -1.28 17.58
N THR D 43 7.49 -1.64 16.69
CA THR D 43 8.48 -2.62 16.94
C THR D 43 9.47 -2.09 17.99
N ALA D 44 9.94 -0.88 17.81
CA ALA D 44 10.81 -0.32 18.74
C ALA D 44 10.14 -0.15 20.11
N GLU D 45 8.92 0.31 20.12
CA GLU D 45 8.24 0.48 21.38
C GLU D 45 8.06 -0.81 22.14
N ALA D 46 7.75 -1.90 21.42
CA ALA D 46 7.61 -3.26 22.00
C ALA D 46 8.96 -3.77 22.57
N MET D 47 10.05 -3.49 21.84
CA MET D 47 11.35 -3.79 22.37
C MET D 47 11.64 -2.99 23.63
N ALA D 48 11.36 -1.70 23.62
CA ALA D 48 11.64 -0.93 24.84
C ALA D 48 10.80 -1.45 26.02
N GLN D 49 9.57 -1.85 25.78
CA GLN D 49 8.76 -2.41 26.87
C GLN D 49 9.38 -3.73 27.43
N GLU D 50 9.88 -4.59 26.55
CA GLU D 50 10.51 -5.77 26.98
C GLU D 50 11.71 -5.51 27.86
N LEU D 51 12.59 -4.61 27.44
CA LEU D 51 13.78 -4.30 28.19
C LEU D 51 13.41 -3.73 29.56
N LYS D 52 12.39 -2.88 29.65
CA LYS D 52 11.95 -2.39 31.03
C LYS D 52 11.40 -3.48 31.90
N ASN D 53 10.56 -4.36 31.34
CA ASN D 53 10.10 -5.60 32.04
C ASN D 53 11.22 -6.60 32.48
N LYS D 54 12.37 -6.59 31.82
CA LYS D 54 13.50 -7.37 32.25
C LYS D 54 14.54 -6.56 33.05
N GLY D 55 14.32 -5.28 33.35
CA GLY D 55 15.33 -4.45 34.06
C GLY D 55 16.63 -4.13 33.29
N ILE D 56 16.62 -4.18 31.96
CA ILE D 56 17.82 -3.84 31.19
C ILE D 56 17.76 -2.35 30.80
N GLN D 57 18.77 -1.59 31.25
CA GLN D 57 18.92 -0.15 31.10
C GLN D 57 20.22 0.10 30.39
N PRO D 58 20.22 -0.06 29.07
CA PRO D 58 21.52 0.09 28.42
C PRO D 58 22.01 1.52 28.42
N THR D 59 23.26 1.73 28.15
CA THR D 59 23.78 3.08 27.94
C THR D 59 23.94 3.53 26.48
N ILE D 60 23.89 2.58 25.56
CA ILE D 60 24.16 2.80 24.12
C ILE D 60 23.67 1.59 23.39
N VAL D 61 23.25 1.75 22.13
CA VAL D 61 22.76 0.67 21.26
C VAL D 61 23.75 0.36 20.17
N ALA D 62 24.00 -0.94 19.97
CA ALA D 62 24.84 -1.36 18.88
C ALA D 62 23.98 -2.14 17.91
N GLY D 63 24.00 -1.76 16.68
CA GLY D 63 23.27 -2.47 15.61
C GLY D 63 24.21 -3.06 14.63
N THR D 64 23.87 -4.28 14.33
CA THR D 64 24.54 -5.10 13.43
C THR D 64 24.24 -4.80 11.96
N GLU D 65 25.27 -4.66 11.17
CA GLU D 65 25.09 -4.32 9.75
C GLU D 65 24.40 -5.51 9.07
N SER D 66 23.33 -5.36 8.28
CA SER D 66 22.64 -4.09 7.95
C SER D 66 21.22 -3.97 8.57
N ARG D 67 20.55 -5.10 8.94
CA ARG D 67 19.17 -4.95 9.44
C ARG D 67 19.16 -4.55 10.83
N GLY D 68 20.25 -4.83 11.56
CA GLY D 68 20.38 -4.23 12.89
C GLY D 68 20.56 -2.73 12.90
N PHE D 69 20.98 -2.14 11.76
CA PHE D 69 20.98 -0.69 11.73
C PHE D 69 19.56 -0.16 11.72
N ILE D 70 18.67 -0.87 11.06
CA ILE D 70 17.24 -0.50 10.99
C ILE D 70 16.58 -0.50 12.38
N PHE D 71 16.56 -1.64 13.06
CA PHE D 71 15.87 -1.79 14.34
C PHE D 71 16.65 -1.13 15.46
N GLY D 72 17.97 -1.02 15.27
CA GLY D 72 18.83 -0.41 16.24
C GLY D 72 18.63 1.07 16.33
N VAL D 73 18.62 1.71 15.19
CA VAL D 73 18.30 3.14 15.09
C VAL D 73 16.93 3.51 15.64
N ALA D 74 15.94 2.73 15.27
CA ALA D 74 14.56 2.94 15.77
C ALA D 74 14.47 2.81 17.31
N LEU D 75 15.15 1.79 17.88
CA LEU D 75 15.10 1.59 19.33
C LEU D 75 15.97 2.61 20.07
N ALA D 76 17.14 2.95 19.53
CA ALA D 76 17.96 4.03 20.08
C ALA D 76 17.20 5.30 20.23
N GLU D 77 16.42 5.62 19.21
N GLU D 77 16.41 5.64 19.22
CA GLU D 77 15.58 6.84 19.27
CA GLU D 77 15.55 6.85 19.28
C GLU D 77 14.57 6.75 20.44
C GLU D 77 14.48 6.78 20.38
N VAL D 78 13.86 5.63 20.56
CA VAL D 78 12.86 5.46 21.67
C VAL D 78 13.51 5.54 23.02
N LEU D 79 14.71 4.96 23.19
CA LEU D 79 15.47 5.00 24.40
C LEU D 79 16.17 6.30 24.75
N GLY D 80 16.33 7.18 23.77
CA GLY D 80 17.05 8.44 23.98
C GLY D 80 18.55 8.14 23.99
N LEU D 81 19.01 7.07 23.30
CA LEU D 81 20.42 6.69 23.36
C LEU D 81 21.13 6.91 22.04
N GLY D 82 22.44 6.95 22.14
CA GLY D 82 23.27 6.86 20.98
C GLY D 82 23.32 5.50 20.30
N PHE D 83 23.99 5.46 19.12
CA PHE D 83 24.02 4.29 18.26
C PHE D 83 25.42 4.07 17.72
N VAL D 84 25.84 2.80 17.77
CA VAL D 84 27.13 2.30 17.26
C VAL D 84 26.90 1.26 16.20
N PRO D 85 27.47 1.44 15.00
CA PRO D 85 27.32 0.48 13.96
C PRO D 85 28.38 -0.58 14.14
N VAL D 86 27.95 -1.83 14.13
CA VAL D 86 28.84 -2.97 14.07
C VAL D 86 28.90 -3.40 12.65
N ARG D 87 30.07 -3.26 12.04
CA ARG D 87 30.15 -3.27 10.58
C ARG D 87 30.85 -4.40 9.95
N LYS D 88 30.47 -4.71 8.70
CA LYS D 88 31.21 -5.65 7.88
C LYS D 88 32.62 -5.06 7.69
N PRO D 89 33.57 -5.92 7.32
CA PRO D 89 34.92 -5.50 7.30
C PRO D 89 35.26 -4.43 6.24
N GLY D 90 36.23 -3.59 6.54
CA GLY D 90 36.76 -2.59 5.58
C GLY D 90 35.87 -1.36 5.45
N LYS D 91 34.86 -1.18 6.31
CA LYS D 91 33.96 -0.05 6.21
C LYS D 91 34.26 1.10 7.25
N LEU D 92 34.66 0.73 8.44
CA LEU D 92 34.94 1.73 9.48
C LEU D 92 36.37 2.23 9.24
N PRO D 93 36.55 3.52 9.36
CA PRO D 93 37.77 4.20 8.94
C PRO D 93 38.90 4.35 9.96
N ARG D 94 38.59 4.30 11.21
CA ARG D 94 39.54 4.39 12.29
C ARG D 94 39.89 3.04 12.88
N ALA D 95 40.72 3.03 13.94
CA ALA D 95 41.23 1.73 14.52
C ALA D 95 40.06 0.88 14.92
N THR D 96 40.10 -0.41 14.59
CA THR D 96 38.91 -1.26 14.83
C THR D 96 39.40 -2.49 15.63
N TYR D 97 38.44 -3.15 16.24
CA TYR D 97 38.56 -4.58 16.71
C TYR D 97 37.81 -5.40 15.72
N SER D 98 38.22 -6.67 15.56
CA SER D 98 37.66 -7.54 14.51
C SER D 98 37.36 -8.87 15.16
N VAL D 99 36.22 -9.52 14.86
CA VAL D 99 35.96 -10.89 15.34
C VAL D 99 35.37 -11.70 14.16
N LYS D 100 35.87 -12.90 14.01
CA LYS D 100 35.42 -13.85 12.96
C LYS D 100 34.22 -14.64 13.38
N TYR D 101 33.36 -15.00 12.44
CA TYR D 101 32.22 -15.86 12.73
C TYR D 101 32.16 -16.82 11.52
N ASP D 102 31.51 -17.96 11.70
CA ASP D 102 31.41 -19.00 10.63
C ASP D 102 30.27 -18.76 9.73
N LEU D 103 30.49 -18.98 8.45
CA LEU D 103 29.41 -18.95 7.50
C LEU D 103 29.20 -20.41 7.16
N GLU D 104 28.17 -20.68 6.37
CA GLU D 104 27.99 -22.00 5.71
C GLU D 104 29.36 -22.66 5.37
N TYR D 105 30.11 -22.00 4.49
CA TYR D 105 31.47 -22.36 4.15
C TYR D 105 32.36 -21.11 4.39
N GLY D 106 33.48 -21.33 5.08
CA GLY D 106 34.44 -20.27 5.40
C GLY D 106 33.84 -19.33 6.44
N SER D 107 34.39 -18.14 6.54
CA SER D 107 33.96 -17.23 7.63
C SER D 107 33.95 -15.79 7.15
N ASP D 108 33.52 -14.90 8.03
CA ASP D 108 33.61 -13.51 7.72
C ASP D 108 33.90 -12.85 9.08
N SER D 109 33.79 -11.53 9.15
CA SER D 109 34.12 -10.77 10.37
C SER D 109 33.16 -9.69 10.58
N LEU D 110 33.08 -9.13 11.81
CA LEU D 110 32.41 -7.91 12.15
C LEU D 110 33.49 -7.05 12.85
N GLU D 111 33.34 -5.73 12.72
CA GLU D 111 34.24 -4.75 13.32
C GLU D 111 33.47 -3.69 14.07
N ILE D 112 34.13 -3.08 15.06
CA ILE D 112 33.71 -1.92 15.72
C ILE D 112 34.94 -1.03 15.86
N HIS D 113 34.72 0.29 15.87
CA HIS D 113 35.81 1.21 16.24
C HIS D 113 36.25 0.90 17.69
N GLN D 114 37.58 0.96 17.92
CA GLN D 114 38.08 0.63 19.24
C GLN D 114 37.57 1.68 20.23
N ASP D 115 37.19 2.88 19.79
CA ASP D 115 36.68 3.95 20.70
C ASP D 115 35.15 3.97 20.77
N ALA D 116 34.46 2.96 20.18
CA ALA D 116 32.98 3.02 20.10
C ALA D 116 32.33 3.06 21.51
N PHE D 117 32.94 2.38 22.46
CA PHE D 117 32.36 2.24 23.82
C PHE D 117 33.37 2.54 24.90
N LYS D 118 32.90 3.05 26.05
CA LYS D 118 33.69 3.20 27.27
C LYS D 118 33.57 2.01 28.18
N VAL D 119 34.54 1.92 29.12
CA VAL D 119 34.59 0.83 30.07
C VAL D 119 33.28 0.78 30.91
N THR D 120 32.66 1.92 31.08
CA THR D 120 31.45 2.03 31.81
C THR D 120 30.16 1.74 30.94
N ASP D 121 30.29 1.55 29.64
CA ASP D 121 29.08 1.35 28.86
C ASP D 121 28.42 -0.05 29.17
N GLU D 122 27.10 -0.07 29.03
CA GLU D 122 26.26 -1.23 29.07
C GLU D 122 25.50 -1.30 27.77
N VAL D 123 25.98 -2.15 26.85
CA VAL D 123 25.65 -2.07 25.47
C VAL D 123 24.50 -3.05 25.16
N LEU D 124 23.46 -2.55 24.50
CA LEU D 124 22.39 -3.37 23.94
C LEU D 124 22.66 -3.67 22.45
N VAL D 125 22.77 -4.94 22.08
CA VAL D 125 22.84 -5.35 20.67
C VAL D 125 21.41 -5.51 20.13
N VAL D 126 21.17 -4.98 18.93
CA VAL D 126 19.93 -5.14 18.28
C VAL D 126 20.14 -5.73 16.95
N ASP D 127 19.31 -6.71 16.60
CA ASP D 127 19.34 -7.27 15.23
C ASP D 127 17.90 -7.72 14.87
N ASP D 128 17.68 -8.04 13.61
CA ASP D 128 16.31 -8.44 13.25
C ASP D 128 15.99 -9.82 13.76
N LEU D 129 16.96 -10.74 13.61
CA LEU D 129 16.72 -12.19 13.74
C LEU D 129 17.85 -12.93 14.42
N LEU D 130 17.46 -13.83 15.31
CA LEU D 130 18.32 -14.79 15.96
C LEU D 130 18.10 -16.10 15.34
N ALA D 131 19.06 -16.53 14.57
CA ALA D 131 19.05 -17.84 13.93
C ALA D 131 20.17 -18.70 14.56
N THR D 132 21.32 -18.89 13.91
CA THR D 132 22.42 -19.64 14.59
C THR D 132 23.11 -18.83 15.71
N GLY D 133 22.94 -17.53 15.76
CA GLY D 133 23.69 -16.68 16.70
C GLY D 133 25.15 -16.35 16.39
N GLY D 134 25.66 -16.72 15.21
CA GLY D 134 27.01 -16.52 14.77
C GLY D 134 27.38 -15.06 14.88
N THR D 135 26.60 -14.19 14.25
CA THR D 135 26.89 -12.81 14.22
C THR D 135 26.68 -12.16 15.59
N ALA D 136 25.77 -12.67 16.38
CA ALA D 136 25.42 -12.00 17.58
C ALA D 136 26.53 -12.23 18.61
N LYS D 137 27.06 -13.44 18.57
CA LYS D 137 28.15 -13.86 19.46
C LYS D 137 29.47 -13.09 19.12
N ALA D 138 29.76 -12.89 17.83
CA ALA D 138 30.87 -12.12 17.37
C ALA D 138 30.71 -10.72 17.90
N THR D 139 29.45 -10.25 17.92
CA THR D 139 29.21 -8.87 18.41
C THR D 139 29.49 -8.74 19.86
N VAL D 140 29.07 -9.73 20.61
CA VAL D 140 29.33 -9.77 22.07
C VAL D 140 30.83 -9.69 22.33
N ASP D 141 31.53 -10.51 21.57
CA ASP D 141 33.00 -10.57 21.69
C ASP D 141 33.70 -9.24 21.35
N LEU D 142 33.23 -8.57 20.31
CA LEU D 142 33.65 -7.23 20.03
C LEU D 142 33.42 -6.29 21.09
N ILE D 143 32.22 -6.26 21.57
CA ILE D 143 31.96 -5.45 22.70
C ILE D 143 32.95 -5.63 23.85
N GLU D 144 33.12 -6.90 24.17
CA GLU D 144 33.95 -7.21 25.31
C GLU D 144 35.44 -6.84 25.11
N LYS D 145 35.91 -6.71 23.89
CA LYS D 145 37.33 -6.26 23.61
C LYS D 145 37.56 -4.79 24.05
N THR D 146 36.47 -4.00 24.13
CA THR D 146 36.50 -2.62 24.73
C THR D 146 36.46 -2.56 26.23
N GLN D 147 36.22 -3.66 26.90
CA GLN D 147 35.93 -3.76 28.32
CA GLN D 147 36.03 -3.54 28.41
C GLN D 147 34.63 -3.08 28.75
N ALA D 148 33.79 -2.70 27.80
CA ALA D 148 32.42 -2.38 28.19
C ALA D 148 31.69 -3.68 28.48
N LYS D 149 30.45 -3.61 28.87
CA LYS D 149 29.69 -4.81 29.26
C LYS D 149 28.54 -4.99 28.25
N VAL D 150 28.12 -6.21 27.98
CA VAL D 150 26.94 -6.48 27.26
C VAL D 150 25.73 -6.43 28.16
N ALA D 151 24.84 -5.48 27.90
CA ALA D 151 23.62 -5.34 28.76
C ALA D 151 22.60 -6.39 28.36
N GLY D 152 22.60 -6.74 27.07
CA GLY D 152 21.60 -7.65 26.60
C GLY D 152 21.61 -7.62 25.04
N LEU D 153 20.83 -8.53 24.42
CA LEU D 153 20.64 -8.66 23.01
C LEU D 153 19.14 -8.79 22.82
N ILE D 154 18.64 -8.11 21.78
CA ILE D 154 17.15 -8.14 21.43
C ILE D 154 16.98 -8.19 19.93
N PHE D 155 16.01 -9.01 19.53
CA PHE D 155 15.79 -9.34 18.18
C PHE D 155 14.31 -9.20 17.92
N VAL D 156 13.92 -8.91 16.69
CA VAL D 156 12.49 -8.96 16.38
C VAL D 156 11.97 -10.37 16.46
N MET D 157 12.78 -11.29 15.91
CA MET D 157 12.43 -12.68 15.67
C MET D 157 13.49 -13.64 16.13
N GLU D 158 13.08 -14.84 16.59
CA GLU D 158 13.94 -15.94 16.98
C GLU D 158 13.46 -17.22 16.31
N LEU D 159 14.35 -17.97 15.70
CA LEU D 159 13.97 -19.16 14.97
C LEU D 159 14.20 -20.32 15.93
N ASP D 160 13.13 -20.93 16.36
CA ASP D 160 13.19 -21.99 17.41
C ASP D 160 13.99 -23.21 16.88
N GLY D 161 14.83 -23.76 17.78
CA GLY D 161 15.71 -24.86 17.50
C GLY D 161 16.98 -24.64 16.70
N LEU D 162 17.33 -23.43 16.24
CA LEU D 162 18.60 -23.31 15.54
C LEU D 162 19.79 -23.02 16.41
N GLY D 163 19.54 -23.02 17.75
CA GLY D 163 20.60 -22.94 18.70
C GLY D 163 21.11 -21.56 19.07
N GLY D 164 20.48 -20.49 18.56
CA GLY D 164 21.02 -19.19 18.79
C GLY D 164 21.14 -18.71 20.23
N ARG D 165 20.05 -18.89 20.94
CA ARG D 165 19.97 -18.56 22.33
C ARG D 165 21.05 -19.25 23.13
N GLU D 166 21.35 -20.50 22.75
CA GLU D 166 22.32 -21.34 23.46
C GLU D 166 23.75 -20.93 23.20
N VAL D 167 24.02 -20.52 21.96
CA VAL D 167 25.28 -19.87 21.65
C VAL D 167 25.52 -18.59 22.52
N LEU D 168 24.45 -17.92 22.90
CA LEU D 168 24.51 -16.69 23.65
C LEU D 168 24.29 -16.98 25.15
N ALA D 169 24.57 -18.23 25.55
CA ALA D 169 24.56 -18.60 26.97
C ALA D 169 25.33 -17.58 27.82
N GLY D 170 24.68 -17.11 28.88
CA GLY D 170 25.31 -16.17 29.81
C GLY D 170 24.88 -14.72 29.56
N TYR D 171 24.19 -14.48 28.47
CA TYR D 171 23.72 -13.10 28.18
C TYR D 171 22.19 -13.05 28.21
N ASN D 172 21.65 -11.88 28.44
CA ASN D 172 20.20 -11.71 28.46
CA ASN D 172 20.20 -11.64 28.48
C ASN D 172 19.69 -11.53 27.05
N VAL D 173 18.86 -12.44 26.61
CA VAL D 173 18.44 -12.46 25.19
C VAL D 173 16.97 -12.26 25.19
N SER D 174 16.45 -11.33 24.38
CA SER D 174 14.99 -11.24 24.20
C SER D 174 14.70 -11.30 22.68
N ALA D 175 13.54 -11.85 22.28
CA ALA D 175 13.02 -11.77 20.95
C ALA D 175 11.54 -11.55 21.05
N LEU D 176 11.05 -10.65 20.25
CA LEU D 176 9.61 -10.36 20.25
C LEU D 176 8.81 -11.53 19.81
N ILE D 177 9.18 -12.18 18.76
CA ILE D 177 8.34 -13.27 18.21
C ILE D 177 9.24 -14.48 18.01
N LYS D 178 8.69 -15.70 18.23
CA LYS D 178 9.40 -16.99 17.98
C LYS D 178 8.70 -17.68 16.82
N PHE D 179 9.44 -18.09 15.77
CA PHE D 179 8.95 -18.90 14.69
C PHE D 179 9.59 -20.32 14.65
N9 ADE E . 31.55 7.38 0.54
C8 ADE E . 32.15 7.66 -0.68
N7 ADE E . 33.13 8.56 -0.53
C5 ADE E . 33.16 8.84 0.77
C6 ADE E . 33.99 9.73 1.57
N6 ADE E . 34.90 10.42 0.93
N1 ADE E . 33.73 9.76 2.88
C2 ADE E . 32.76 9.00 3.45
N3 ADE E . 31.97 8.20 2.81
C4 ADE E . 32.15 8.06 1.50
N9 ADE F . -26.50 -15.08 -13.76
C8 ADE F . -26.38 -16.37 -14.24
N7 ADE F . -27.58 -17.05 -14.11
C5 ADE F . -28.41 -16.19 -13.56
C6 ADE F . -29.81 -16.27 -13.19
N6 ADE F . -30.46 -17.37 -13.32
N1 ADE F . -30.30 -15.22 -12.66
C2 ADE F . -29.58 -14.04 -12.55
N3 ADE F . -28.35 -13.86 -12.82
C4 ADE F . -27.73 -14.90 -13.34
N9 ADE G . -12.48 8.24 -20.37
C8 ADE G . -12.18 9.05 -21.42
N7 ADE G . -11.03 9.66 -21.18
C5 ADE G . -10.59 9.26 -20.01
C6 ADE G . -9.45 9.61 -19.22
N6 ADE G . -8.61 10.49 -19.77
N1 ADE G . -9.33 9.05 -18.00
C2 ADE G . -10.26 8.14 -17.50
N3 ADE G . -11.32 7.78 -18.18
C4 ADE G . -11.54 8.33 -19.42
N9 ADE H . 18.07 -14.88 8.23
C8 ADE H . 18.50 -16.19 8.36
N7 ADE H . 17.49 -17.07 8.16
C5 ADE H . 16.42 -16.29 7.92
C6 ADE H . 15.08 -16.61 7.69
N6 ADE H . 14.93 -17.94 7.71
N1 ADE H . 14.18 -15.66 7.49
C2 ADE H . 14.52 -14.33 7.51
N3 ADE H . 15.74 -13.88 7.75
C4 ADE H . 16.73 -14.84 7.97
#